data_9ESG
#
_entry.id   9ESG
#
_cell.length_a   85.07
_cell.length_b   91.56
_cell.length_c   129.23
_cell.angle_alpha   90
_cell.angle_beta   90
_cell.angle_gamma   90
#
_symmetry.space_group_name_H-M   'P 21 21 21'
#
loop_
_entity.id
_entity.type
_entity.pdbx_description
1 polymer 'Indoleamine 2,3-dioxygenase 1'
2 non-polymer 'PROTOPORPHYRIN IX CONTAINING FE'
3 non-polymer (~{R})-(2-cyclopropylimidazo[5,1-b][1,3]thiazol-3-yl)-(1-phenyl-1,2,3-triazol-4-yl)methanol
4 water water
#
_entity_poly.entity_id   1
_entity_poly.type   'polypeptide(L)'
_entity_poly.pdbx_seq_one_letter_code
;MGSSHHHHHHSAALEVLFQGPHMWTISKEYHIDEEVGFALPNPQENLPDFYNDWMFIAKHLPDLIESGQLRERVEKLNML
SIDHLTDHKSQRLARLVLGCITMAYVWGKGHGDVRKVLPRNIAVPYCQLSKKLELPPILVYADCVLANWKKKDPNKPLTY
ENMDVLFSFRDGDCSKGFFLVSLLVEIAAASAIKVIPTVFKAMQMQERDTLLKALLEIASCLEKALQVFHQIHDHVNPKA
FFSVLRIYLSGWKGNPQLSDGLVYEGFWEDPKEFAGGSAGQSSVFQCFDVLLGIQQTAGGGHAAQFLQDMRRYMPPAHRN
FLCSLESNPSVREFVLSKGDAGLREAYDACVKALVSLRSYHLQIVTKYILIPASQQPKENKTSEDPSKLEAKGTGGTDLM
NFLKTVRSTTEKSLLKEG
;
_entity_poly.pdbx_strand_id   A,B
#
# COMPACT_ATOMS: atom_id res chain seq x y z
N ALA A 13 10.38 6.00 15.69
CA ALA A 13 9.03 6.27 15.21
C ALA A 13 8.56 7.67 15.63
N LEU A 14 8.78 8.04 16.91
CA LEU A 14 8.45 9.39 17.38
C LEU A 14 9.46 10.38 16.76
N GLU A 15 10.77 10.00 16.75
CA GLU A 15 11.87 10.81 16.20
C GLU A 15 11.78 10.98 14.68
N VAL A 16 11.14 10.04 13.98
CA VAL A 16 10.96 10.16 12.53
C VAL A 16 9.84 11.20 12.22
N LEU A 17 8.86 11.34 13.12
CA LEU A 17 7.82 12.35 13.00
C LEU A 17 8.39 13.75 13.18
N PHE A 18 9.42 13.90 14.03
CA PHE A 18 10.03 15.20 14.31
C PHE A 18 11.21 15.58 13.41
N GLN A 19 12.14 14.64 13.15
CA GLN A 19 13.31 14.95 12.34
C GLN A 19 13.26 14.43 10.90
N GLY A 20 12.20 13.71 10.54
CA GLY A 20 11.99 13.21 9.19
C GLY A 20 12.43 11.78 8.99
N PRO A 21 12.02 11.19 7.85
CA PRO A 21 12.39 9.79 7.56
C PRO A 21 13.89 9.58 7.34
N HIS A 22 14.56 8.99 8.33
CA HIS A 22 15.99 8.78 8.26
C HIS A 22 16.35 7.50 8.99
N MET A 23 16.63 6.44 8.24
CA MET A 23 16.97 5.15 8.85
C MET A 23 18.44 5.05 9.28
N TRP A 24 18.84 5.82 10.31
CA TRP A 24 20.20 5.75 10.84
C TRP A 24 20.43 4.44 11.65
N THR A 25 19.35 3.77 12.07
CA THR A 25 19.37 2.51 12.81
C THR A 25 18.12 1.70 12.50
N ILE A 26 18.21 0.35 12.66
CA ILE A 26 17.01 -0.47 12.50
C ILE A 26 16.38 -0.66 13.88
N SER A 27 15.24 0.02 14.07
CA SER A 27 14.46 0.01 15.29
C SER A 27 13.92 -1.37 15.62
N LYS A 28 13.84 -1.68 16.92
CA LYS A 28 13.28 -2.94 17.40
C LYS A 28 11.78 -3.04 17.02
N GLU A 29 11.10 -1.88 16.82
CA GLU A 29 9.72 -1.76 16.38
C GLU A 29 9.47 -2.33 14.97
N TYR A 30 10.54 -2.62 14.20
CA TYR A 30 10.37 -3.23 12.89
C TYR A 30 10.31 -4.76 12.93
N HIS A 31 10.66 -5.37 14.08
CA HIS A 31 10.64 -6.81 14.33
C HIS A 31 11.49 -7.57 13.34
N ILE A 32 12.72 -7.10 13.20
CA ILE A 32 13.73 -7.75 12.39
C ILE A 32 14.79 -8.26 13.36
N ASP A 33 15.07 -9.54 13.30
CA ASP A 33 16.04 -10.19 14.18
C ASP A 33 17.45 -10.03 13.60
N GLU A 34 18.45 -9.87 14.48
CA GLU A 34 19.85 -9.73 14.03
C GLU A 34 20.31 -11.00 13.25
N GLU A 35 19.79 -12.17 13.64
CA GLU A 35 20.14 -13.45 13.06
C GLU A 35 19.15 -13.97 12.01
N VAL A 36 17.85 -14.10 12.33
CA VAL A 36 16.88 -14.65 11.38
C VAL A 36 16.18 -13.59 10.49
N GLY A 37 16.31 -12.32 10.83
CA GLY A 37 15.76 -11.23 10.03
C GLY A 37 14.27 -11.11 10.10
N PHE A 38 13.59 -11.33 8.96
CA PHE A 38 12.13 -11.25 8.93
C PHE A 38 11.44 -12.49 9.52
N ALA A 39 12.16 -13.59 9.69
CA ALA A 39 11.60 -14.80 10.30
C ALA A 39 11.33 -14.58 11.78
N LEU A 40 10.34 -15.31 12.32
CA LEU A 40 10.03 -15.22 13.73
C LEU A 40 11.11 -15.99 14.46
N PRO A 41 11.90 -15.33 15.32
CA PRO A 41 12.99 -16.05 16.00
C PRO A 41 12.45 -16.98 17.06
N ASN A 42 12.99 -18.21 17.14
CA ASN A 42 12.59 -19.26 18.09
C ASN A 42 11.07 -19.37 18.25
N PRO A 43 10.36 -19.78 17.19
CA PRO A 43 8.90 -19.87 17.29
C PRO A 43 8.44 -20.88 18.33
N GLN A 44 7.26 -20.63 18.90
CA GLN A 44 6.69 -21.51 19.92
C GLN A 44 6.25 -22.81 19.29
N GLU A 45 6.63 -23.93 19.89
CA GLU A 45 6.30 -25.26 19.42
C GLU A 45 4.94 -25.74 19.94
N ASN A 46 4.59 -25.34 21.18
CA ASN A 46 3.37 -25.78 21.82
C ASN A 46 2.52 -24.63 22.33
N LEU A 47 1.21 -24.83 22.30
CA LEU A 47 0.22 -23.88 22.77
C LEU A 47 -0.22 -24.28 24.21
N PRO A 48 -0.90 -23.37 24.98
CA PRO A 48 -1.42 -23.79 26.30
C PRO A 48 -2.44 -24.93 26.15
N ASP A 49 -2.49 -25.82 27.17
CA ASP A 49 -3.34 -27.01 27.21
C ASP A 49 -4.80 -26.77 26.82
N PHE A 50 -5.28 -25.54 26.99
CA PHE A 50 -6.63 -25.12 26.65
C PHE A 50 -6.94 -25.32 25.16
N TYR A 51 -5.90 -25.25 24.29
CA TYR A 51 -6.07 -25.40 22.85
C TYR A 51 -5.59 -26.75 22.32
N ASN A 52 -5.55 -27.79 23.17
CA ASN A 52 -5.10 -29.12 22.77
C ASN A 52 -5.96 -29.75 21.66
N ASP A 53 -7.24 -29.34 21.56
CA ASP A 53 -8.12 -29.85 20.52
C ASP A 53 -7.74 -29.30 19.14
N TRP A 54 -7.18 -28.08 19.08
CA TRP A 54 -6.70 -27.49 17.85
C TRP A 54 -5.40 -28.19 17.48
N MET A 55 -4.47 -28.25 18.45
CA MET A 55 -3.16 -28.86 18.27
C MET A 55 -3.20 -30.30 17.83
N PHE A 56 -4.24 -31.06 18.24
CA PHE A 56 -4.35 -32.45 17.83
C PHE A 56 -4.63 -32.51 16.34
N ILE A 57 -5.58 -31.70 15.87
CA ILE A 57 -5.97 -31.69 14.45
C ILE A 57 -4.82 -31.25 13.55
N ALA A 58 -4.18 -30.12 13.91
CA ALA A 58 -3.08 -29.51 13.18
C ALA A 58 -1.88 -30.44 13.08
N LYS A 59 -1.54 -31.12 14.19
CA LYS A 59 -0.41 -32.04 14.18
C LYS A 59 -0.70 -33.37 13.45
N HIS A 60 -1.97 -33.63 13.11
CA HIS A 60 -2.38 -34.88 12.45
C HIS A 60 -3.14 -34.66 11.17
N LEU A 61 -2.97 -33.49 10.51
CA LEU A 61 -3.62 -33.19 9.24
C LEU A 61 -3.36 -34.27 8.18
N PRO A 62 -2.13 -34.85 8.02
CA PRO A 62 -1.96 -35.90 7.00
C PRO A 62 -2.87 -37.11 7.16
N ASP A 63 -2.96 -37.66 8.38
CA ASP A 63 -3.77 -38.84 8.67
C ASP A 63 -5.25 -38.54 8.66
N LEU A 64 -5.65 -37.40 9.25
CA LEU A 64 -7.03 -36.97 9.30
C LEU A 64 -7.60 -36.70 7.91
N ILE A 65 -6.81 -36.16 7.00
CA ILE A 65 -7.27 -35.88 5.63
C ILE A 65 -7.44 -37.21 4.88
N GLU A 66 -6.41 -38.06 4.91
CA GLU A 66 -6.36 -39.35 4.23
C GLU A 66 -7.49 -40.29 4.66
N SER A 67 -7.79 -40.31 5.98
CA SER A 67 -8.87 -41.13 6.53
C SER A 67 -10.27 -40.53 6.32
N GLY A 68 -10.37 -39.31 5.80
CA GLY A 68 -11.66 -38.64 5.64
C GLY A 68 -12.28 -38.19 6.96
N GLN A 69 -11.50 -38.16 8.02
CA GLN A 69 -11.98 -37.79 9.35
C GLN A 69 -11.79 -36.32 9.69
N LEU A 70 -10.99 -35.57 8.91
CA LEU A 70 -10.64 -34.19 9.21
C LEU A 70 -11.83 -33.22 9.33
N ARG A 71 -12.69 -33.16 8.31
CA ARG A 71 -13.82 -32.24 8.35
C ARG A 71 -14.74 -32.47 9.56
N GLU A 72 -14.97 -33.74 9.92
CA GLU A 72 -15.77 -34.09 11.10
C GLU A 72 -15.10 -33.58 12.38
N ARG A 73 -13.79 -33.81 12.55
CA ARG A 73 -13.04 -33.33 13.73
C ARG A 73 -13.09 -31.80 13.87
N VAL A 74 -13.19 -31.08 12.75
CA VAL A 74 -13.25 -29.63 12.76
C VAL A 74 -14.67 -29.20 13.14
N GLU A 75 -15.70 -29.82 12.51
CA GLU A 75 -17.10 -29.54 12.78
C GLU A 75 -17.51 -29.86 14.22
N LYS A 76 -16.88 -30.88 14.83
CA LYS A 76 -17.13 -31.28 16.21
C LYS A 76 -16.24 -30.53 17.23
N LEU A 77 -15.74 -29.34 16.86
CA LEU A 77 -14.91 -28.55 17.76
C LEU A 77 -15.75 -27.57 18.55
N ASN A 78 -15.30 -27.27 19.75
CA ASN A 78 -15.92 -26.25 20.58
C ASN A 78 -15.24 -24.93 20.22
N MET A 79 -15.98 -23.80 20.28
CA MET A 79 -15.37 -22.51 19.98
C MET A 79 -14.51 -22.09 21.17
N LEU A 80 -13.18 -22.15 21.00
CA LEU A 80 -12.27 -21.77 22.08
C LEU A 80 -11.98 -20.26 21.96
N SER A 81 -11.87 -19.55 23.11
CA SER A 81 -11.61 -18.10 23.07
C SER A 81 -10.13 -17.83 22.84
N ILE A 82 -9.82 -16.78 22.07
CA ILE A 82 -8.41 -16.42 21.82
C ILE A 82 -7.75 -15.70 23.01
N ASP A 83 -8.48 -15.51 24.12
CA ASP A 83 -7.97 -14.80 25.29
C ASP A 83 -6.85 -15.51 26.03
N HIS A 84 -6.71 -16.81 25.85
CA HIS A 84 -5.66 -17.57 26.53
C HIS A 84 -4.31 -17.54 25.77
N LEU A 85 -4.22 -16.79 24.65
CA LEU A 85 -3.00 -16.59 23.88
C LEU A 85 -2.49 -15.19 24.28
N THR A 86 -1.67 -15.14 25.34
CA THR A 86 -1.20 -13.89 25.94
C THR A 86 -0.14 -13.14 25.13
N ASP A 87 0.98 -13.82 24.78
CA ASP A 87 2.07 -13.17 24.05
C ASP A 87 2.00 -13.39 22.54
N HIS A 88 2.71 -12.54 21.77
CA HIS A 88 2.78 -12.58 20.30
C HIS A 88 3.20 -13.96 19.75
N LYS A 89 4.27 -14.57 20.28
CA LYS A 89 4.75 -15.87 19.83
C LYS A 89 3.70 -16.98 19.90
N SER A 90 2.79 -16.91 20.87
CA SER A 90 1.72 -17.90 20.99
C SER A 90 0.53 -17.55 20.07
N GLN A 91 0.29 -16.26 19.84
CA GLN A 91 -0.73 -15.81 18.90
C GLN A 91 -0.33 -16.17 17.46
N ARG A 92 0.98 -16.15 17.18
CA ARG A 92 1.50 -16.50 15.86
C ARG A 92 1.42 -18.00 15.65
N LEU A 93 1.64 -18.81 16.70
CA LEU A 93 1.52 -20.26 16.60
C LEU A 93 0.07 -20.62 16.33
N ALA A 94 -0.86 -19.99 17.07
CA ALA A 94 -2.28 -20.22 16.89
C ALA A 94 -2.72 -19.88 15.46
N ARG A 95 -2.14 -18.80 14.88
CA ARG A 95 -2.43 -18.36 13.52
C ARG A 95 -2.00 -19.41 12.50
N LEU A 96 -0.84 -20.02 12.75
CA LEU A 96 -0.27 -21.08 11.92
C LEU A 96 -1.13 -22.35 12.07
N VAL A 97 -1.52 -22.72 13.32
CA VAL A 97 -2.37 -23.86 13.64
C VAL A 97 -3.74 -23.74 12.91
N LEU A 98 -4.49 -22.65 13.17
CA LEU A 98 -5.79 -22.41 12.55
C LEU A 98 -5.70 -22.25 11.04
N GLY A 99 -4.62 -21.65 10.56
CA GLY A 99 -4.38 -21.44 9.13
C GLY A 99 -4.21 -22.75 8.38
N CYS A 100 -3.38 -23.65 8.91
CA CYS A 100 -3.13 -24.98 8.35
C CYS A 100 -4.42 -25.79 8.38
N ILE A 101 -5.19 -25.69 9.48
CA ILE A 101 -6.45 -26.43 9.59
C ILE A 101 -7.44 -25.90 8.54
N THR A 102 -7.54 -24.59 8.38
CA THR A 102 -8.44 -24.00 7.42
C THR A 102 -8.18 -24.47 5.99
N MET A 103 -6.91 -24.57 5.59
N MET A 103 -6.91 -24.56 5.57
CA MET A 103 -6.56 -25.03 4.26
CA MET A 103 -6.59 -25.02 4.21
C MET A 103 -6.98 -26.49 4.06
C MET A 103 -6.99 -26.49 4.06
N ALA A 104 -6.73 -27.31 5.09
CA ALA A 104 -7.07 -28.73 5.08
C ALA A 104 -8.58 -28.93 5.03
N TYR A 105 -9.34 -28.08 5.74
CA TYR A 105 -10.79 -28.15 5.74
C TYR A 105 -11.32 -27.76 4.37
N VAL A 106 -10.94 -26.58 3.86
CA VAL A 106 -11.43 -26.09 2.58
C VAL A 106 -11.09 -27.02 1.41
N TRP A 107 -9.83 -27.49 1.32
CA TRP A 107 -9.41 -28.29 0.18
C TRP A 107 -9.56 -29.79 0.37
N GLY A 108 -9.71 -30.25 1.59
CA GLY A 108 -9.90 -31.67 1.92
C GLY A 108 -8.80 -32.57 1.39
N LYS A 109 -9.17 -33.63 0.65
CA LYS A 109 -8.19 -34.53 0.01
C LYS A 109 -7.49 -33.88 -1.20
N GLY A 110 -7.97 -32.72 -1.64
CA GLY A 110 -7.38 -31.95 -2.71
C GLY A 110 -7.70 -32.42 -4.11
N HIS A 111 -8.95 -32.82 -4.35
CA HIS A 111 -9.32 -33.29 -5.68
C HIS A 111 -10.74 -32.94 -6.06
N GLY A 112 -11.10 -31.67 -5.91
CA GLY A 112 -12.41 -31.18 -6.32
C GLY A 112 -13.43 -30.88 -5.25
N ASP A 113 -13.54 -31.73 -4.22
CA ASP A 113 -14.52 -31.52 -3.15
C ASP A 113 -14.10 -30.38 -2.22
N VAL A 114 -14.53 -29.16 -2.55
CA VAL A 114 -14.23 -27.97 -1.74
C VAL A 114 -15.32 -27.71 -0.67
N ARG A 115 -15.00 -26.91 0.32
CA ARG A 115 -15.95 -26.51 1.36
C ARG A 115 -15.99 -25.01 1.30
N LYS A 116 -17.11 -24.40 0.89
CA LYS A 116 -17.17 -22.94 0.79
C LYS A 116 -17.60 -22.24 2.11
N VAL A 117 -17.78 -22.99 3.20
CA VAL A 117 -18.15 -22.41 4.48
C VAL A 117 -17.23 -22.92 5.57
N LEU A 118 -16.59 -22.00 6.30
CA LEU A 118 -15.72 -22.37 7.40
C LEU A 118 -16.51 -22.36 8.72
N PRO A 119 -16.54 -23.50 9.44
CA PRO A 119 -17.31 -23.57 10.70
C PRO A 119 -17.04 -22.47 11.72
N ARG A 120 -18.11 -21.87 12.29
CA ARG A 120 -18.01 -20.80 13.28
C ARG A 120 -17.01 -21.05 14.40
N ASN A 121 -16.94 -22.26 14.93
CA ASN A 121 -16.04 -22.60 16.04
C ASN A 121 -14.53 -22.46 15.70
N ILE A 122 -14.21 -22.43 14.39
CA ILE A 122 -12.84 -22.23 13.92
C ILE A 122 -12.72 -20.85 13.25
N ALA A 123 -13.69 -20.48 12.40
CA ALA A 123 -13.70 -19.20 11.70
C ALA A 123 -13.79 -17.98 12.62
N VAL A 124 -14.50 -18.08 13.75
CA VAL A 124 -14.61 -16.93 14.66
C VAL A 124 -13.26 -16.65 15.33
N PRO A 125 -12.65 -17.59 16.07
CA PRO A 125 -11.33 -17.28 16.67
C PRO A 125 -10.24 -17.00 15.65
N TYR A 126 -10.36 -17.57 14.44
CA TYR A 126 -9.37 -17.33 13.39
C TYR A 126 -9.43 -15.88 12.97
N CYS A 127 -10.60 -15.35 12.57
CA CYS A 127 -10.69 -13.95 12.17
C CYS A 127 -10.45 -12.96 13.32
N GLN A 128 -10.68 -13.41 14.57
CA GLN A 128 -10.45 -12.62 15.76
C GLN A 128 -8.94 -12.44 15.97
N LEU A 129 -8.19 -13.54 15.95
CA LEU A 129 -6.74 -13.56 16.11
C LEU A 129 -6.04 -12.91 14.90
N SER A 130 -6.64 -13.05 13.71
CA SER A 130 -6.14 -12.44 12.49
C SER A 130 -6.27 -10.93 12.59
N LYS A 131 -7.41 -10.41 13.08
CA LYS A 131 -7.64 -8.97 13.27
C LYS A 131 -6.65 -8.40 14.30
N LYS A 132 -6.35 -9.17 15.35
CA LYS A 132 -5.41 -8.78 16.38
C LYS A 132 -4.02 -8.55 15.78
N LEU A 133 -3.53 -9.52 14.98
CA LEU A 133 -2.21 -9.46 14.35
C LEU A 133 -2.14 -8.69 13.02
N GLU A 134 -3.26 -8.10 12.59
CA GLU A 134 -3.38 -7.33 11.34
C GLU A 134 -3.03 -8.15 10.11
N LEU A 135 -3.43 -9.42 10.12
CA LEU A 135 -3.18 -10.32 9.01
C LEU A 135 -4.48 -10.90 8.48
N PRO A 136 -4.55 -11.27 7.18
CA PRO A 136 -5.82 -11.83 6.66
C PRO A 136 -6.09 -13.24 7.17
N PRO A 137 -7.36 -13.66 7.30
CA PRO A 137 -7.65 -15.03 7.78
C PRO A 137 -7.44 -16.11 6.71
N ILE A 138 -6.17 -16.30 6.33
CA ILE A 138 -5.68 -17.28 5.36
C ILE A 138 -4.21 -17.53 5.70
N LEU A 139 -3.73 -18.74 5.41
CA LEU A 139 -2.34 -19.09 5.67
C LEU A 139 -1.41 -18.21 4.81
N VAL A 140 -0.46 -17.51 5.45
CA VAL A 140 0.46 -16.64 4.69
C VAL A 140 1.91 -17.15 4.84
N TYR A 141 2.85 -16.60 4.05
CA TYR A 141 4.28 -16.89 4.11
C TYR A 141 4.81 -16.67 5.53
N ALA A 142 4.30 -15.65 6.25
CA ALA A 142 4.70 -15.38 7.63
C ALA A 142 4.29 -16.52 8.61
N ASP A 143 3.24 -17.27 8.27
CA ASP A 143 2.82 -18.40 9.08
C ASP A 143 3.62 -19.66 8.71
N CYS A 144 3.41 -20.20 7.48
CA CYS A 144 4.01 -21.46 7.13
C CYS A 144 5.51 -21.41 6.82
N VAL A 145 6.11 -20.21 6.69
CA VAL A 145 7.55 -20.16 6.49
C VAL A 145 8.24 -19.52 7.71
N LEU A 146 7.91 -18.27 8.00
CA LEU A 146 8.60 -17.54 9.06
C LEU A 146 8.32 -18.02 10.49
N ALA A 147 7.16 -18.65 10.78
CA ALA A 147 6.86 -19.14 12.13
C ALA A 147 6.68 -20.67 12.25
N ASN A 148 6.87 -21.39 11.12
CA ASN A 148 6.67 -22.83 11.03
C ASN A 148 7.99 -23.57 11.09
N TRP A 149 8.75 -23.34 12.16
CA TRP A 149 10.06 -23.97 12.29
C TRP A 149 10.53 -24.09 13.73
N LYS A 150 11.46 -25.01 13.95
CA LYS A 150 12.08 -25.26 15.24
C LYS A 150 13.53 -25.72 15.02
N LYS A 151 14.35 -25.60 16.06
CA LYS A 151 15.72 -26.08 16.09
C LYS A 151 15.63 -27.45 16.80
N LYS A 152 16.24 -28.49 16.22
CA LYS A 152 16.26 -29.83 16.82
C LYS A 152 17.10 -29.78 18.09
N ASP A 153 18.26 -29.08 18.03
CA ASP A 153 19.18 -28.88 19.13
C ASP A 153 19.54 -27.39 19.13
N PRO A 154 19.17 -26.67 20.21
CA PRO A 154 19.45 -25.22 20.29
C PRO A 154 20.92 -24.80 20.20
N ASN A 155 21.85 -25.64 20.67
CA ASN A 155 23.28 -25.31 20.62
C ASN A 155 23.89 -25.49 19.24
N LYS A 156 23.32 -26.41 18.44
CA LYS A 156 23.77 -26.62 17.07
C LYS A 156 23.32 -25.42 16.17
N PRO A 157 23.93 -25.18 14.99
CA PRO A 157 23.58 -23.99 14.21
C PRO A 157 22.27 -24.09 13.39
N LEU A 158 21.86 -22.95 12.78
CA LEU A 158 20.67 -22.93 11.94
C LEU A 158 21.00 -23.50 10.58
N THR A 159 20.99 -24.82 10.49
CA THR A 159 21.23 -25.56 9.25
C THR A 159 20.04 -26.52 9.01
N TYR A 160 19.87 -27.04 7.77
CA TYR A 160 18.77 -27.95 7.44
C TYR A 160 18.71 -29.15 8.37
N GLU A 161 19.87 -29.74 8.65
CA GLU A 161 19.95 -30.90 9.52
C GLU A 161 19.53 -30.63 10.94
N ASN A 162 19.74 -29.39 11.43
CA ASN A 162 19.34 -29.05 12.78
C ASN A 162 17.96 -28.35 12.85
N MET A 163 17.16 -28.46 11.79
CA MET A 163 15.86 -27.79 11.77
C MET A 163 14.73 -28.70 11.31
N ASP A 164 13.52 -28.33 11.68
CA ASP A 164 12.30 -29.03 11.27
C ASP A 164 11.13 -28.03 11.23
N VAL A 165 10.09 -28.36 10.46
CA VAL A 165 8.86 -27.56 10.43
C VAL A 165 7.96 -28.00 11.60
N LEU A 166 6.91 -27.25 11.91
CA LEU A 166 5.99 -27.62 12.96
C LEU A 166 4.78 -28.37 12.38
N PHE A 167 4.34 -27.99 11.15
CA PHE A 167 3.15 -28.60 10.54
C PHE A 167 3.29 -28.90 9.07
N SER A 168 2.64 -29.99 8.63
CA SER A 168 2.57 -30.48 7.26
C SER A 168 1.12 -30.71 6.84
N PHE A 169 0.85 -30.89 5.55
CA PHE A 169 -0.52 -31.12 5.08
C PHE A 169 -0.81 -32.57 4.79
N ARG A 170 0.07 -33.22 4.03
CA ARG A 170 -0.03 -34.62 3.62
C ARG A 170 1.32 -35.30 3.76
N ASP A 171 1.33 -36.64 3.79
CA ASP A 171 2.58 -37.38 3.83
C ASP A 171 3.22 -37.30 2.46
N GLY A 172 4.51 -37.01 2.45
CA GLY A 172 5.31 -36.88 1.25
C GLY A 172 5.02 -35.66 0.42
N ASP A 173 4.38 -34.63 1.01
CA ASP A 173 4.06 -33.38 0.31
C ASP A 173 5.27 -32.45 0.11
N CYS A 174 6.41 -32.79 0.73
CA CYS A 174 7.66 -32.03 0.71
C CYS A 174 7.55 -30.68 1.43
N SER A 175 6.63 -30.59 2.40
CA SER A 175 6.36 -29.39 3.16
C SER A 175 7.59 -28.96 3.92
N LYS A 176 8.35 -29.91 4.51
CA LYS A 176 9.56 -29.56 5.26
C LYS A 176 10.60 -28.96 4.32
N GLY A 177 10.79 -29.60 3.19
CA GLY A 177 11.75 -29.17 2.19
C GLY A 177 11.46 -27.81 1.64
N PHE A 178 10.23 -27.60 1.19
CA PHE A 178 9.82 -26.33 0.60
C PHE A 178 9.86 -25.19 1.60
N PHE A 179 9.27 -25.37 2.79
CA PHE A 179 9.24 -24.32 3.78
C PHE A 179 10.60 -24.04 4.40
N LEU A 180 11.42 -25.06 4.67
CA LEU A 180 12.73 -24.83 5.31
C LEU A 180 13.75 -24.25 4.35
N VAL A 181 13.68 -24.60 3.06
CA VAL A 181 14.61 -24.04 2.11
C VAL A 181 14.29 -22.56 1.92
N SER A 182 12.98 -22.20 1.82
CA SER A 182 12.54 -20.80 1.73
C SER A 182 13.02 -20.01 2.96
N LEU A 183 12.93 -20.61 4.14
CA LEU A 183 13.35 -20.03 5.40
C LEU A 183 14.85 -19.83 5.44
N LEU A 184 15.61 -20.84 5.03
CA LEU A 184 17.07 -20.76 5.02
C LEU A 184 17.55 -19.66 4.09
N VAL A 185 16.83 -19.39 2.98
CA VAL A 185 17.14 -18.31 2.05
C VAL A 185 16.82 -16.94 2.69
N GLU A 186 15.70 -16.88 3.43
CA GLU A 186 15.27 -15.69 4.16
C GLU A 186 16.33 -15.26 5.16
N ILE A 187 16.89 -16.23 5.89
CA ILE A 187 17.91 -15.98 6.90
C ILE A 187 19.24 -15.59 6.24
N ALA A 188 19.55 -16.17 5.06
CA ALA A 188 20.77 -15.84 4.32
C ALA A 188 20.73 -14.40 3.83
N ALA A 189 19.54 -13.95 3.36
CA ALA A 189 19.32 -12.58 2.90
C ALA A 189 19.27 -11.56 4.04
N ALA A 190 18.92 -12.01 5.25
CA ALA A 190 18.80 -11.22 6.47
C ALA A 190 20.09 -10.56 6.90
N SER A 191 21.22 -11.22 6.62
CA SER A 191 22.51 -10.67 7.00
C SER A 191 22.83 -9.37 6.24
N ALA A 192 22.20 -9.14 5.08
CA ALA A 192 22.36 -7.89 4.33
C ALA A 192 21.50 -6.75 4.89
N ILE A 193 20.46 -7.06 5.70
CA ILE A 193 19.58 -6.05 6.28
C ILE A 193 20.33 -5.20 7.30
N LYS A 194 21.25 -5.79 8.07
CA LYS A 194 22.08 -5.02 9.03
C LYS A 194 22.88 -3.90 8.34
N VAL A 195 23.21 -4.10 7.07
CA VAL A 195 23.99 -3.17 6.25
C VAL A 195 23.16 -1.95 5.76
N ILE A 196 21.82 -2.05 5.80
CA ILE A 196 20.93 -0.97 5.34
C ILE A 196 21.21 0.36 6.08
N PRO A 197 21.19 0.45 7.43
CA PRO A 197 21.49 1.75 8.07
C PRO A 197 22.86 2.34 7.69
N THR A 198 23.84 1.46 7.39
CA THR A 198 25.17 1.88 6.97
C THR A 198 25.09 2.59 5.62
N VAL A 199 24.24 2.11 4.71
CA VAL A 199 24.03 2.70 3.39
C VAL A 199 23.41 4.09 3.52
N PHE A 200 22.33 4.23 4.29
CA PHE A 200 21.68 5.52 4.46
C PHE A 200 22.54 6.55 5.21
N LYS A 201 23.31 6.09 6.20
CA LYS A 201 24.18 6.98 6.95
C LYS A 201 25.34 7.44 6.09
N ALA A 202 25.90 6.56 5.25
CA ALA A 202 27.01 6.93 4.36
C ALA A 202 26.55 7.85 3.23
N MET A 203 25.29 7.78 2.81
CA MET A 203 24.76 8.67 1.79
C MET A 203 24.59 10.07 2.40
N GLN A 204 24.02 10.14 3.62
CA GLN A 204 23.79 11.41 4.32
C GLN A 204 25.13 12.08 4.61
N MET A 205 26.08 11.31 5.13
CA MET A 205 27.42 11.78 5.48
C MET A 205 28.38 11.93 4.31
N GLN A 206 27.99 11.45 3.13
CA GLN A 206 28.80 11.49 1.94
C GLN A 206 30.10 10.72 2.08
N GLU A 207 30.05 9.56 2.74
CA GLU A 207 31.19 8.67 2.90
C GLU A 207 31.13 7.71 1.72
N ARG A 208 31.84 8.01 0.64
CA ARG A 208 31.86 7.23 -0.58
C ARG A 208 32.48 5.83 -0.41
N ASP A 209 33.59 5.73 0.30
CA ASP A 209 34.25 4.43 0.50
C ASP A 209 33.41 3.51 1.39
N THR A 210 32.74 4.10 2.40
CA THR A 210 31.87 3.38 3.31
C THR A 210 30.68 2.83 2.52
N LEU A 211 30.09 3.66 1.64
CA LEU A 211 28.96 3.26 0.81
C LEU A 211 29.35 2.14 -0.16
N LEU A 212 30.55 2.21 -0.71
CA LEU A 212 31.04 1.19 -1.61
C LEU A 212 31.22 -0.12 -0.85
N LYS A 213 31.84 -0.06 0.36
CA LYS A 213 32.03 -1.26 1.17
C LYS A 213 30.68 -1.89 1.54
N ALA A 214 29.72 -1.06 1.95
CA ALA A 214 28.36 -1.49 2.29
C ALA A 214 27.63 -2.13 1.08
N LEU A 215 27.71 -1.53 -0.12
CA LEU A 215 27.06 -2.09 -1.29
C LEU A 215 27.64 -3.45 -1.68
N LEU A 216 28.96 -3.62 -1.52
CA LEU A 216 29.61 -4.88 -1.83
C LEU A 216 29.29 -5.95 -0.81
N GLU A 217 29.07 -5.56 0.47
CA GLU A 217 28.70 -6.48 1.54
C GLU A 217 27.27 -7.00 1.30
N ILE A 218 26.34 -6.14 0.88
CA ILE A 218 24.98 -6.55 0.56
C ILE A 218 25.00 -7.55 -0.62
N ALA A 219 25.84 -7.29 -1.61
CA ALA A 219 25.96 -8.15 -2.78
C ALA A 219 26.48 -9.54 -2.38
N SER A 220 27.45 -9.57 -1.45
CA SER A 220 28.09 -10.75 -0.91
C SER A 220 27.04 -11.64 -0.22
N CYS A 221 26.12 -11.02 0.53
CA CYS A 221 25.02 -11.66 1.22
C CYS A 221 24.00 -12.26 0.25
N LEU A 222 23.61 -11.52 -0.80
CA LEU A 222 22.66 -12.00 -1.81
C LEU A 222 23.27 -13.07 -2.73
N GLU A 223 24.61 -13.11 -2.83
CA GLU A 223 25.33 -14.12 -3.59
C GLU A 223 25.34 -15.42 -2.78
N LYS A 224 25.56 -15.31 -1.45
CA LYS A 224 25.52 -16.45 -0.53
C LYS A 224 24.09 -17.04 -0.48
N ALA A 225 23.06 -16.21 -0.62
CA ALA A 225 21.67 -16.65 -0.63
C ALA A 225 21.34 -17.53 -1.85
N LEU A 226 22.03 -17.30 -2.99
CA LEU A 226 21.84 -18.11 -4.19
C LEU A 226 22.37 -19.53 -3.98
N GLN A 227 23.49 -19.65 -3.24
CA GLN A 227 24.13 -20.93 -2.93
C GLN A 227 23.19 -21.79 -2.08
N VAL A 228 22.51 -21.15 -1.10
CA VAL A 228 21.55 -21.77 -0.18
C VAL A 228 20.34 -22.31 -0.95
N PHE A 229 19.88 -21.57 -1.95
CA PHE A 229 18.74 -21.95 -2.79
C PHE A 229 18.98 -23.28 -3.54
N HIS A 230 20.23 -23.69 -3.81
CA HIS A 230 20.49 -24.95 -4.55
C HIS A 230 19.98 -26.22 -3.82
N GLN A 231 19.79 -26.15 -2.48
CA GLN A 231 19.30 -27.24 -1.65
C GLN A 231 17.87 -27.66 -1.97
N ILE A 232 17.11 -26.86 -2.73
CA ILE A 232 15.72 -27.16 -3.07
C ILE A 232 15.60 -28.51 -3.77
N HIS A 233 16.58 -28.83 -4.62
CA HIS A 233 16.60 -30.05 -5.39
C HIS A 233 16.76 -31.31 -4.54
N ASP A 234 17.37 -31.17 -3.35
CA ASP A 234 17.60 -32.26 -2.43
C ASP A 234 16.45 -32.46 -1.43
N HIS A 235 15.50 -31.51 -1.32
CA HIS A 235 14.45 -31.64 -0.32
C HIS A 235 13.02 -31.49 -0.87
N VAL A 236 12.85 -31.28 -2.18
CA VAL A 236 11.53 -31.12 -2.83
C VAL A 236 11.52 -31.93 -4.14
N ASN A 237 10.39 -32.57 -4.50
CA ASN A 237 10.31 -33.29 -5.78
C ASN A 237 9.13 -32.79 -6.62
N PRO A 238 9.34 -32.65 -7.95
CA PRO A 238 8.30 -32.09 -8.83
C PRO A 238 6.90 -32.70 -8.73
N LYS A 239 6.80 -34.04 -8.64
CA LYS A 239 5.50 -34.70 -8.54
C LYS A 239 4.77 -34.30 -7.26
N ALA A 240 5.46 -34.40 -6.10
CA ALA A 240 4.87 -34.04 -4.80
C ALA A 240 4.53 -32.56 -4.67
N PHE A 241 5.35 -31.66 -5.24
CA PHE A 241 5.07 -30.23 -5.13
C PHE A 241 3.85 -29.84 -5.98
N PHE A 242 3.85 -30.24 -7.26
CA PHE A 242 2.76 -29.91 -8.17
C PHE A 242 1.47 -30.64 -7.83
N SER A 243 1.55 -31.96 -7.63
CA SER A 243 0.36 -32.75 -7.34
C SER A 243 -0.19 -32.59 -5.94
N VAL A 244 0.66 -32.29 -4.92
CA VAL A 244 0.17 -32.21 -3.55
C VAL A 244 0.30 -30.80 -2.88
N LEU A 245 1.50 -30.33 -2.51
CA LEU A 245 1.70 -29.07 -1.77
C LEU A 245 1.00 -27.85 -2.37
N ARG A 246 1.00 -27.74 -3.70
CA ARG A 246 0.37 -26.65 -4.47
C ARG A 246 -1.11 -26.46 -4.10
N ILE A 247 -1.83 -27.56 -3.94
CA ILE A 247 -3.24 -27.56 -3.59
C ILE A 247 -3.52 -26.90 -2.25
N TYR A 248 -2.76 -27.26 -1.22
CA TYR A 248 -2.94 -26.70 0.12
C TYR A 248 -2.45 -25.27 0.28
N LEU A 249 -1.61 -24.81 -0.66
CA LEU A 249 -1.12 -23.45 -0.69
C LEU A 249 -2.06 -22.51 -1.47
N SER A 250 -3.02 -23.08 -2.26
CA SER A 250 -3.99 -22.32 -3.05
C SER A 250 -4.95 -21.51 -2.17
N GLY A 251 -5.30 -20.31 -2.62
CA GLY A 251 -6.19 -19.43 -1.89
C GLY A 251 -7.55 -19.29 -2.53
N TRP A 252 -8.30 -18.26 -2.13
CA TRP A 252 -9.64 -18.04 -2.66
C TRP A 252 -9.85 -16.64 -3.20
N LYS A 253 -8.92 -16.18 -4.04
CA LYS A 253 -9.05 -14.90 -4.68
C LYS A 253 -8.84 -15.18 -6.16
N GLY A 254 -9.89 -14.97 -6.95
CA GLY A 254 -9.86 -15.26 -8.38
C GLY A 254 -9.78 -16.75 -8.67
N ASN A 255 -10.29 -17.58 -7.76
CA ASN A 255 -10.24 -19.02 -7.92
C ASN A 255 -11.57 -19.55 -8.40
N PRO A 256 -11.58 -20.24 -9.56
CA PRO A 256 -12.85 -20.83 -10.04
C PRO A 256 -13.47 -21.88 -9.10
N GLN A 257 -12.68 -22.43 -8.15
CA GLN A 257 -13.20 -23.41 -7.19
C GLN A 257 -13.94 -22.78 -6.02
N LEU A 258 -13.69 -21.47 -5.75
CA LEU A 258 -14.30 -20.69 -4.69
C LEU A 258 -14.40 -19.27 -5.28
N SER A 259 -15.18 -19.15 -6.37
CA SER A 259 -15.36 -17.94 -7.17
C SER A 259 -15.79 -16.70 -6.41
N ASP A 260 -16.53 -16.88 -5.32
CA ASP A 260 -16.99 -15.73 -4.52
C ASP A 260 -16.21 -15.55 -3.19
N GLY A 261 -15.28 -16.45 -2.89
CA GLY A 261 -14.52 -16.38 -1.66
C GLY A 261 -14.97 -17.42 -0.64
N LEU A 262 -14.49 -17.31 0.58
CA LEU A 262 -14.83 -18.27 1.64
C LEU A 262 -15.78 -17.65 2.65
N VAL A 263 -16.72 -18.44 3.18
CA VAL A 263 -17.64 -17.95 4.20
C VAL A 263 -17.00 -18.12 5.56
N TYR A 264 -16.71 -17.01 6.23
CA TYR A 264 -16.14 -17.04 7.57
C TYR A 264 -17.32 -16.95 8.51
N GLU A 265 -17.98 -18.09 8.75
CA GLU A 265 -19.18 -18.23 9.59
C GLU A 265 -19.03 -17.66 10.98
N GLY A 266 -19.95 -16.76 11.33
CA GLY A 266 -19.94 -16.11 12.63
C GLY A 266 -19.04 -14.89 12.71
N PHE A 267 -18.49 -14.46 11.56
CA PHE A 267 -17.61 -13.30 11.51
C PHE A 267 -18.02 -12.36 10.40
N TRP A 268 -18.22 -12.86 9.18
CA TRP A 268 -18.67 -12.02 8.07
C TRP A 268 -19.91 -12.55 7.43
N GLU A 269 -20.75 -11.63 6.93
CA GLU A 269 -22.02 -11.97 6.29
C GLU A 269 -21.78 -12.66 4.94
N ASP A 270 -21.13 -11.96 4.00
CA ASP A 270 -20.85 -12.51 2.68
C ASP A 270 -19.44 -13.13 2.55
N PRO A 271 -19.28 -14.07 1.60
CA PRO A 271 -17.98 -14.71 1.43
C PRO A 271 -16.85 -13.72 1.11
N LYS A 272 -15.69 -13.85 1.79
CA LYS A 272 -14.52 -12.98 1.59
C LYS A 272 -13.40 -13.66 0.78
N GLU A 273 -12.82 -12.94 -0.22
CA GLU A 273 -11.75 -13.41 -1.09
C GLU A 273 -10.34 -13.02 -0.60
N PHE A 274 -9.47 -14.01 -0.37
CA PHE A 274 -8.09 -13.74 0.05
C PHE A 274 -7.12 -14.55 -0.79
N ALA A 275 -6.00 -13.95 -1.15
CA ALA A 275 -4.97 -14.60 -1.96
C ALA A 275 -4.23 -15.67 -1.18
N GLY A 276 -3.81 -16.72 -1.88
CA GLY A 276 -3.07 -17.79 -1.26
C GLY A 276 -1.67 -17.39 -0.84
N GLY A 277 -1.00 -18.28 -0.10
CA GLY A 277 0.36 -18.07 0.35
C GLY A 277 1.29 -17.88 -0.82
N SER A 278 2.15 -16.87 -0.75
CA SER A 278 3.03 -16.53 -1.85
C SER A 278 4.37 -16.02 -1.37
N ALA A 279 5.45 -16.43 -2.05
CA ALA A 279 6.76 -15.87 -1.74
C ALA A 279 6.85 -14.37 -2.12
N GLY A 280 5.84 -13.85 -2.85
CA GLY A 280 5.62 -12.43 -3.10
C GLY A 280 5.30 -11.66 -1.82
N GLN A 281 4.98 -12.41 -0.72
CA GLN A 281 4.76 -11.91 0.64
C GLN A 281 6.07 -11.91 1.46
N SER A 282 7.23 -12.22 0.85
CA SER A 282 8.51 -12.19 1.56
C SER A 282 8.95 -10.75 1.68
N SER A 283 9.20 -10.28 2.90
CA SER A 283 9.60 -8.90 3.13
C SER A 283 11.05 -8.64 2.74
N VAL A 284 11.90 -9.68 2.75
CA VAL A 284 13.31 -9.50 2.48
C VAL A 284 13.57 -9.21 1.01
N PHE A 285 12.84 -9.87 0.12
CA PHE A 285 13.02 -9.66 -1.31
C PHE A 285 12.47 -8.32 -1.76
N GLN A 286 11.37 -7.88 -1.17
CA GLN A 286 10.78 -6.61 -1.49
C GLN A 286 11.68 -5.48 -1.00
N CYS A 287 12.30 -5.64 0.18
CA CYS A 287 13.16 -4.59 0.73
C CYS A 287 14.44 -4.35 -0.07
N PHE A 288 14.93 -5.36 -0.82
CA PHE A 288 16.11 -5.15 -1.65
C PHE A 288 15.75 -4.46 -2.94
N ASP A 289 14.53 -4.69 -3.46
CA ASP A 289 14.05 -3.98 -4.63
C ASP A 289 13.84 -2.51 -4.24
N VAL A 290 13.30 -2.23 -3.04
CA VAL A 290 13.09 -0.87 -2.58
C VAL A 290 14.44 -0.17 -2.39
N LEU A 291 15.36 -0.80 -1.67
CA LEU A 291 16.69 -0.29 -1.40
C LEU A 291 17.42 0.09 -2.68
N LEU A 292 17.43 -0.82 -3.65
CA LEU A 292 18.13 -0.61 -4.90
C LEU A 292 17.34 0.17 -5.97
N GLY A 293 16.19 0.72 -5.61
CA GLY A 293 15.40 1.50 -6.55
C GLY A 293 14.81 0.74 -7.73
N ILE A 294 14.65 -0.57 -7.59
CA ILE A 294 14.04 -1.38 -8.65
C ILE A 294 12.54 -1.17 -8.47
N GLN A 295 11.94 -0.39 -9.37
CA GLN A 295 10.51 -0.04 -9.25
C GLN A 295 9.59 -1.20 -9.61
N GLN A 296 9.59 -2.25 -8.78
CA GLN A 296 8.79 -3.47 -8.96
C GLN A 296 7.32 -3.21 -8.75
N THR A 297 6.99 -2.27 -7.84
CA THR A 297 5.60 -1.88 -7.55
C THR A 297 5.20 -0.66 -8.38
N GLY A 301 1.60 -2.43 -13.78
CA GLY A 301 1.25 -3.73 -14.34
C GLY A 301 0.74 -4.73 -13.32
N HIS A 302 0.32 -5.91 -13.79
CA HIS A 302 -0.19 -6.95 -12.91
C HIS A 302 0.81 -7.39 -11.83
N ALA A 303 2.11 -7.48 -12.19
CA ALA A 303 3.19 -7.84 -11.29
C ALA A 303 3.39 -6.78 -10.21
N ALA A 304 3.29 -5.51 -10.61
CA ALA A 304 3.43 -4.37 -9.71
C ALA A 304 2.29 -4.29 -8.71
N GLN A 305 1.07 -4.61 -9.16
CA GLN A 305 -0.09 -4.57 -8.31
C GLN A 305 -0.05 -5.74 -7.36
N PHE A 306 0.27 -6.94 -7.85
CA PHE A 306 0.37 -8.13 -7.01
C PHE A 306 1.36 -7.96 -5.85
N LEU A 307 2.54 -7.43 -6.12
CA LEU A 307 3.55 -7.21 -5.10
C LEU A 307 3.15 -6.15 -4.10
N GLN A 308 2.42 -5.13 -4.55
CA GLN A 308 1.93 -4.08 -3.67
C GLN A 308 0.85 -4.64 -2.74
N ASP A 309 -0.05 -5.49 -3.29
CA ASP A 309 -1.11 -6.15 -2.54
C ASP A 309 -0.51 -7.10 -1.51
N MET A 310 0.54 -7.86 -1.88
CA MET A 310 1.16 -8.84 -0.96
C MET A 310 1.78 -8.24 0.28
N ARG A 311 1.96 -6.92 0.32
CA ARG A 311 2.42 -6.23 1.51
C ARG A 311 1.33 -6.28 2.59
N ARG A 312 0.04 -6.25 2.18
CA ARG A 312 -1.11 -6.37 3.09
C ARG A 312 -1.18 -7.77 3.79
N TYR A 313 -0.41 -8.75 3.27
CA TYR A 313 -0.30 -10.13 3.77
C TYR A 313 0.98 -10.35 4.61
N MET A 314 1.79 -9.28 4.81
CA MET A 314 3.01 -9.33 5.62
C MET A 314 2.71 -8.83 7.02
N PRO A 315 3.49 -9.22 8.06
CA PRO A 315 3.26 -8.64 9.40
C PRO A 315 3.37 -7.11 9.35
N PRO A 316 2.50 -6.41 10.09
CA PRO A 316 2.49 -4.94 10.01
C PRO A 316 3.83 -4.27 10.29
N ALA A 317 4.66 -4.79 11.21
CA ALA A 317 5.97 -4.18 11.47
C ALA A 317 6.87 -4.26 10.23
N HIS A 318 6.76 -5.36 9.48
CA HIS A 318 7.53 -5.57 8.26
C HIS A 318 6.98 -4.74 7.11
N ARG A 319 5.67 -4.55 7.07
CA ARG A 319 4.98 -3.70 6.10
C ARG A 319 5.43 -2.23 6.31
N ASN A 320 5.61 -1.82 7.59
CA ASN A 320 6.07 -0.48 8.02
C ASN A 320 7.52 -0.28 7.64
N PHE A 321 8.35 -1.32 7.74
CA PHE A 321 9.75 -1.25 7.37
C PHE A 321 9.90 -0.97 5.89
N LEU A 322 9.09 -1.64 5.06
CA LEU A 322 9.12 -1.44 3.63
C LEU A 322 8.76 -0.01 3.25
N CYS A 323 7.74 0.56 3.89
CA CYS A 323 7.34 1.92 3.54
C CYS A 323 8.37 2.94 4.10
N SER A 324 9.01 2.63 5.25
CA SER A 324 10.07 3.49 5.78
C SER A 324 11.27 3.51 4.85
N LEU A 325 11.57 2.40 4.18
CA LEU A 325 12.66 2.33 3.20
C LEU A 325 12.34 3.19 1.97
N GLU A 326 11.06 3.27 1.58
CA GLU A 326 10.61 4.09 0.47
C GLU A 326 10.66 5.58 0.82
N SER A 327 10.46 5.92 2.09
CA SER A 327 10.54 7.29 2.60
C SER A 327 11.99 7.85 2.67
N ASN A 328 12.98 6.94 2.64
CA ASN A 328 14.39 7.31 2.68
C ASN A 328 14.92 7.67 1.29
N PRO A 329 16.07 8.38 1.21
CA PRO A 329 16.59 8.76 -0.11
C PRO A 329 16.94 7.58 -1.02
N SER A 330 16.93 7.81 -2.34
CA SER A 330 17.22 6.78 -3.31
C SER A 330 18.71 6.51 -3.45
N VAL A 331 19.11 5.27 -3.15
CA VAL A 331 20.47 4.78 -3.31
C VAL A 331 20.80 4.77 -4.83
N ARG A 332 19.84 4.37 -5.68
CA ARG A 332 20.06 4.35 -7.11
C ARG A 332 20.32 5.75 -7.66
N GLU A 333 19.47 6.74 -7.31
CA GLU A 333 19.65 8.11 -7.78
C GLU A 333 20.98 8.67 -7.30
N PHE A 334 21.37 8.36 -6.06
CA PHE A 334 22.64 8.80 -5.50
C PHE A 334 23.81 8.24 -6.28
N VAL A 335 23.80 6.94 -6.58
CA VAL A 335 24.89 6.29 -7.32
C VAL A 335 24.97 6.85 -8.75
N LEU A 336 23.82 7.01 -9.40
CA LEU A 336 23.74 7.54 -10.76
C LEU A 336 24.27 8.97 -10.85
N SER A 337 24.11 9.76 -9.79
CA SER A 337 24.52 11.16 -9.80
C SER A 337 25.98 11.39 -9.48
N LYS A 338 26.75 10.36 -9.07
CA LYS A 338 28.11 10.59 -8.64
C LYS A 338 29.20 10.40 -9.69
N GLY A 339 28.90 9.81 -10.87
CA GLY A 339 29.90 9.62 -11.93
C GLY A 339 31.14 8.87 -11.43
N ASP A 340 30.88 7.87 -10.58
CA ASP A 340 31.86 7.06 -9.89
C ASP A 340 31.73 5.63 -10.36
N ALA A 341 32.67 5.13 -11.17
CA ALA A 341 32.58 3.76 -11.70
C ALA A 341 32.60 2.68 -10.65
N GLY A 342 33.43 2.85 -9.63
CA GLY A 342 33.54 1.85 -8.57
C GLY A 342 32.27 1.70 -7.76
N LEU A 343 31.57 2.83 -7.52
CA LEU A 343 30.31 2.88 -6.80
C LEU A 343 29.21 2.26 -7.67
N ARG A 344 29.21 2.53 -8.98
CA ARG A 344 28.24 1.95 -9.90
C ARG A 344 28.44 0.47 -10.02
N GLU A 345 29.70 0.01 -10.05
CA GLU A 345 30.02 -1.42 -10.13
C GLU A 345 29.56 -2.17 -8.89
N ALA A 346 29.62 -1.52 -7.71
CA ALA A 346 29.18 -2.08 -6.42
C ALA A 346 27.65 -2.14 -6.34
N TYR A 347 26.99 -1.11 -6.87
CA TYR A 347 25.52 -1.09 -6.93
C TYR A 347 25.05 -2.21 -7.87
N ASP A 348 25.72 -2.36 -9.01
CA ASP A 348 25.43 -3.38 -10.00
C ASP A 348 25.70 -4.78 -9.49
N ALA A 349 26.62 -4.94 -8.53
CA ALA A 349 26.90 -6.23 -7.93
C ALA A 349 25.64 -6.70 -7.17
N CYS A 350 24.96 -5.76 -6.45
CA CYS A 350 23.72 -6.00 -5.72
C CYS A 350 22.59 -6.37 -6.68
N VAL A 351 22.44 -5.60 -7.76
CA VAL A 351 21.41 -5.83 -8.77
C VAL A 351 21.63 -7.17 -9.49
N LYS A 352 22.89 -7.47 -9.90
CA LYS A 352 23.22 -8.74 -10.56
C LYS A 352 22.98 -9.94 -9.66
N ALA A 353 23.11 -9.77 -8.33
CA ALA A 353 22.84 -10.87 -7.39
C ALA A 353 21.33 -11.17 -7.32
N LEU A 354 20.49 -10.12 -7.45
CA LEU A 354 19.04 -10.27 -7.46
C LEU A 354 18.61 -10.88 -8.80
N VAL A 355 19.25 -10.49 -9.92
CA VAL A 355 18.94 -11.07 -11.23
C VAL A 355 19.30 -12.55 -11.22
N SER A 356 20.44 -12.91 -10.63
CA SER A 356 20.86 -14.28 -10.52
C SER A 356 19.85 -15.12 -9.71
N LEU A 357 19.38 -14.59 -8.57
CA LEU A 357 18.39 -15.26 -7.74
C LEU A 357 17.10 -15.47 -8.53
N ARG A 358 16.60 -14.42 -9.21
CA ARG A 358 15.37 -14.49 -10.01
C ARG A 358 15.48 -15.42 -11.20
N SER A 359 16.66 -15.52 -11.80
CA SER A 359 16.90 -16.40 -12.94
C SER A 359 16.98 -17.84 -12.48
N TYR A 360 17.64 -18.08 -11.34
CA TYR A 360 17.71 -19.42 -10.76
C TYR A 360 16.30 -19.88 -10.35
N HIS A 361 15.50 -18.96 -9.81
CA HIS A 361 14.14 -19.19 -9.41
C HIS A 361 13.29 -19.63 -10.59
N LEU A 362 13.40 -18.96 -11.76
CA LEU A 362 12.66 -19.34 -12.99
C LEU A 362 13.01 -20.78 -13.43
N GLN A 363 14.29 -21.18 -13.26
CA GLN A 363 14.77 -22.53 -13.57
C GLN A 363 14.03 -23.53 -12.69
N ILE A 364 13.89 -23.21 -11.38
CA ILE A 364 13.19 -24.03 -10.39
C ILE A 364 11.70 -24.14 -10.71
N VAL A 365 11.04 -23.03 -11.05
CA VAL A 365 9.61 -23.05 -11.39
C VAL A 365 9.34 -23.84 -12.71
N THR A 366 10.35 -23.99 -13.57
CA THR A 366 10.22 -24.80 -14.79
C THR A 366 10.22 -26.29 -14.40
N LYS A 367 11.14 -26.67 -13.51
CA LYS A 367 11.27 -28.05 -13.05
C LYS A 367 10.09 -28.49 -12.19
N TYR A 368 9.67 -27.62 -11.26
CA TYR A 368 8.64 -27.94 -10.29
C TYR A 368 7.21 -27.57 -10.67
N ILE A 369 7.00 -26.72 -11.68
CA ILE A 369 5.63 -26.35 -12.07
C ILE A 369 5.36 -26.54 -13.56
N LEU A 370 6.10 -25.87 -14.45
CA LEU A 370 5.88 -25.93 -15.90
C LEU A 370 5.94 -27.34 -16.49
N ILE A 371 6.98 -28.10 -16.14
CA ILE A 371 7.16 -29.46 -16.66
C ILE A 371 6.10 -30.44 -16.07
N PRO A 372 5.89 -30.53 -14.73
CA PRO A 372 4.86 -31.45 -14.21
C PRO A 372 3.45 -31.15 -14.73
N ALA A 373 3.16 -29.89 -15.08
CA ALA A 373 1.86 -29.49 -15.63
C ALA A 373 1.63 -30.12 -16.99
N SER A 374 2.70 -30.24 -17.80
CA SER A 374 2.64 -30.84 -19.13
C SER A 374 2.37 -32.35 -19.08
N GLN A 375 2.71 -33.02 -17.96
CA GLN A 375 2.58 -34.45 -17.77
C GLN A 375 1.41 -34.89 -16.86
N GLN A 376 0.23 -34.26 -16.99
CA GLN A 376 -0.93 -34.67 -16.18
C GLN A 376 -1.83 -35.63 -16.96
N ASP A 398 0.54 -16.10 -17.30
CA ASP A 398 0.44 -16.92 -16.10
C ASP A 398 1.54 -16.55 -15.04
N LEU A 399 1.88 -17.45 -14.08
CA LEU A 399 2.91 -17.14 -13.09
C LEU A 399 4.31 -17.09 -13.70
N MET A 400 4.54 -17.69 -14.88
CA MET A 400 5.82 -17.61 -15.54
C MET A 400 6.01 -16.16 -16.02
N ASN A 401 4.96 -15.56 -16.59
CA ASN A 401 4.95 -14.18 -17.05
C ASN A 401 5.22 -13.22 -15.88
N PHE A 402 4.70 -13.52 -14.68
CA PHE A 402 4.94 -12.70 -13.49
C PHE A 402 6.42 -12.73 -13.12
N LEU A 403 7.01 -13.93 -13.03
CA LEU A 403 8.41 -14.08 -12.66
C LEU A 403 9.36 -13.50 -13.71
N LYS A 404 9.05 -13.69 -15.00
CA LYS A 404 9.86 -13.12 -16.09
C LYS A 404 9.73 -11.58 -16.11
N THR A 405 8.57 -11.03 -15.73
CA THR A 405 8.39 -9.59 -15.65
C THR A 405 9.20 -9.02 -14.49
N VAL A 406 9.23 -9.73 -13.34
CA VAL A 406 9.99 -9.30 -12.16
C VAL A 406 11.47 -9.32 -12.47
N ARG A 407 11.94 -10.44 -13.01
CA ARG A 407 13.36 -10.58 -13.39
C ARG A 407 13.77 -9.54 -14.42
N SER A 408 12.91 -9.28 -15.42
CA SER A 408 13.17 -8.29 -16.47
C SER A 408 13.34 -6.88 -15.88
N THR A 409 12.53 -6.53 -14.87
CA THR A 409 12.59 -5.25 -14.17
C THR A 409 13.89 -5.14 -13.37
N THR A 410 14.36 -6.26 -12.81
CA THR A 410 15.61 -6.28 -12.04
C THR A 410 16.80 -6.11 -12.97
N GLU A 411 16.80 -6.80 -14.13
CA GLU A 411 17.88 -6.71 -15.10
C GLU A 411 17.93 -5.32 -15.74
N LYS A 412 16.76 -4.75 -16.07
CA LYS A 412 16.71 -3.41 -16.66
C LYS A 412 17.17 -2.30 -15.67
N SER A 413 17.40 -2.64 -14.38
CA SER A 413 17.87 -1.71 -13.36
C SER A 413 19.42 -1.61 -13.30
N LEU A 414 20.14 -2.45 -14.06
CA LEU A 414 21.60 -2.38 -14.07
C LEU A 414 22.03 -1.08 -14.75
N LEU A 415 23.15 -0.53 -14.33
CA LEU A 415 23.70 0.69 -14.91
C LEU A 415 24.56 0.22 -16.12
N LYS A 416 25.71 -0.44 -15.88
CA LYS A 416 26.48 -1.06 -16.95
C LYS A 416 25.95 -2.51 -17.07
N GLU A 417 25.77 -3.02 -18.32
CA GLU A 417 25.22 -4.37 -18.58
C GLU A 417 25.90 -5.51 -17.79
N GLY A 418 25.15 -6.60 -17.58
CA GLY A 418 25.65 -7.77 -16.87
C GLY A 418 26.34 -8.78 -17.77
N THR B 25 7.21 19.43 17.04
CA THR B 25 6.44 19.55 15.80
C THR B 25 6.94 18.63 14.66
N ILE B 26 6.00 18.24 13.79
CA ILE B 26 6.15 17.45 12.57
C ILE B 26 7.25 18.06 11.66
N SER B 27 8.16 17.21 11.16
CA SER B 27 9.29 17.60 10.30
C SER B 27 8.89 18.34 9.05
N LYS B 28 9.74 19.30 8.65
CA LYS B 28 9.58 20.09 7.43
C LYS B 28 9.60 19.19 6.18
N GLU B 29 10.30 18.05 6.26
CA GLU B 29 10.41 17.03 5.21
C GLU B 29 9.04 16.41 4.84
N TYR B 30 8.00 16.58 5.68
CA TYR B 30 6.68 16.06 5.38
C TYR B 30 5.82 17.01 4.54
N HIS B 31 6.24 18.28 4.39
CA HIS B 31 5.57 19.31 3.61
C HIS B 31 4.15 19.55 4.05
N ILE B 32 3.99 19.71 5.35
CA ILE B 32 2.72 20.06 5.95
C ILE B 32 2.88 21.48 6.47
N ASP B 33 1.97 22.36 6.07
CA ASP B 33 2.00 23.76 6.44
C ASP B 33 1.29 23.97 7.78
N GLU B 34 1.80 24.91 8.59
CA GLU B 34 1.20 25.22 9.89
C GLU B 34 -0.27 25.70 9.71
N GLU B 35 -0.52 26.44 8.61
CA GLU B 35 -1.83 26.99 8.31
C GLU B 35 -2.69 26.15 7.34
N VAL B 36 -2.17 25.84 6.14
CA VAL B 36 -2.95 25.14 5.12
C VAL B 36 -2.86 23.59 5.21
N GLY B 37 -1.89 23.07 5.95
CA GLY B 37 -1.71 21.63 6.14
C GLY B 37 -1.18 20.91 4.93
N PHE B 38 -1.99 20.01 4.36
CA PHE B 38 -1.58 19.27 3.17
C PHE B 38 -1.65 20.10 1.85
N ALA B 39 -2.39 21.22 1.87
CA ALA B 39 -2.49 22.10 0.72
C ALA B 39 -1.14 22.79 0.46
N LEU B 40 -0.87 23.11 -0.81
CA LEU B 40 0.36 23.80 -1.17
C LEU B 40 0.17 25.24 -0.74
N PRO B 41 1.01 25.76 0.17
CA PRO B 41 0.83 27.14 0.63
C PRO B 41 1.23 28.15 -0.43
N ASN B 42 0.41 29.20 -0.62
CA ASN B 42 0.65 30.27 -1.61
C ASN B 42 1.10 29.74 -2.97
N PRO B 43 0.23 28.99 -3.67
CA PRO B 43 0.65 28.41 -4.95
C PRO B 43 1.02 29.46 -5.97
N GLN B 44 1.96 29.13 -6.88
CA GLN B 44 2.40 30.04 -7.92
C GLN B 44 1.30 30.29 -8.92
N GLU B 45 1.05 31.56 -9.24
CA GLU B 45 -0.01 31.94 -10.18
C GLU B 45 0.47 31.93 -11.63
N ASN B 46 1.75 32.26 -11.85
CA ASN B 46 2.34 32.34 -13.19
C ASN B 46 3.65 31.56 -13.31
N LEU B 47 3.88 30.98 -14.49
CA LEU B 47 5.08 30.21 -14.86
C LEU B 47 6.09 31.12 -15.61
N PRO B 48 7.37 30.70 -15.76
CA PRO B 48 8.30 31.54 -16.52
C PRO B 48 7.86 31.72 -17.97
N ASP B 49 8.19 32.89 -18.58
CA ASP B 49 7.83 33.27 -19.95
C ASP B 49 8.08 32.17 -21.01
N PHE B 50 9.04 31.26 -20.74
CA PHE B 50 9.38 30.16 -21.61
C PHE B 50 8.19 29.21 -21.86
N TYR B 51 7.26 29.12 -20.88
CA TYR B 51 6.09 28.24 -20.97
C TYR B 51 4.80 29.00 -21.24
N ASN B 52 4.87 30.18 -21.85
CA ASN B 52 3.69 30.99 -22.18
C ASN B 52 2.71 30.28 -23.12
N ASP B 53 3.22 29.36 -23.95
CA ASP B 53 2.38 28.58 -24.88
C ASP B 53 1.49 27.58 -24.13
N TRP B 54 1.99 27.05 -22.99
CA TRP B 54 1.23 26.14 -22.16
C TRP B 54 0.20 26.96 -21.40
N MET B 55 0.65 28.04 -20.75
CA MET B 55 -0.19 28.92 -19.95
C MET B 55 -1.33 29.55 -20.73
N PHE B 56 -1.16 29.79 -22.03
CA PHE B 56 -2.22 30.38 -22.84
C PHE B 56 -3.35 29.37 -22.99
N ILE B 57 -3.01 28.11 -23.29
CA ILE B 57 -4.00 27.04 -23.46
C ILE B 57 -4.77 26.78 -22.16
N ALA B 58 -4.03 26.58 -21.06
CA ALA B 58 -4.57 26.28 -19.74
C ALA B 58 -5.48 27.39 -19.22
N LYS B 59 -5.09 28.66 -19.40
CA LYS B 59 -5.90 29.78 -18.96
C LYS B 59 -7.14 30.02 -19.83
N HIS B 60 -7.23 29.36 -21.00
CA HIS B 60 -8.36 29.53 -21.92
C HIS B 60 -9.05 28.23 -22.28
N LEU B 61 -8.95 27.20 -21.43
CA LEU B 61 -9.61 25.92 -21.64
C LEU B 61 -11.12 26.05 -21.91
N PRO B 62 -11.91 26.90 -21.20
CA PRO B 62 -13.35 26.97 -21.51
C PRO B 62 -13.68 27.38 -22.95
N ASP B 63 -13.01 28.44 -23.46
CA ASP B 63 -13.24 28.96 -24.82
C ASP B 63 -12.68 28.01 -25.88
N LEU B 64 -11.45 27.53 -25.67
CA LEU B 64 -10.76 26.62 -26.57
C LEU B 64 -11.51 25.30 -26.74
N ILE B 65 -12.12 24.80 -25.67
CA ILE B 65 -12.87 23.54 -25.74
C ILE B 65 -14.16 23.77 -26.53
N GLU B 66 -14.94 24.80 -26.16
CA GLU B 66 -16.22 25.15 -26.78
C GLU B 66 -16.10 25.36 -28.29
N SER B 67 -15.05 26.09 -28.69
CA SER B 67 -14.80 26.37 -30.09
C SER B 67 -14.19 25.19 -30.87
N GLY B 68 -13.83 24.11 -30.21
CA GLY B 68 -13.18 22.97 -30.85
C GLY B 68 -11.75 23.26 -31.28
N GLN B 69 -11.17 24.35 -30.77
CA GLN B 69 -9.82 24.76 -31.12
C GLN B 69 -8.73 24.21 -30.22
N LEU B 70 -9.10 23.65 -29.04
CA LEU B 70 -8.17 23.13 -28.05
C LEU B 70 -7.25 22.01 -28.55
N ARG B 71 -7.80 20.94 -29.15
CA ARG B 71 -6.97 19.84 -29.63
C ARG B 71 -5.94 20.30 -30.68
N GLU B 72 -6.32 21.21 -31.59
CA GLU B 72 -5.39 21.76 -32.58
C GLU B 72 -4.27 22.55 -31.90
N ARG B 73 -4.60 23.42 -30.92
CA ARG B 73 -3.61 24.21 -30.18
C ARG B 73 -2.61 23.32 -29.41
N VAL B 74 -3.04 22.12 -29.00
CA VAL B 74 -2.18 21.18 -28.30
C VAL B 74 -1.28 20.46 -29.32
N GLU B 75 -1.87 20.00 -30.43
CA GLU B 75 -1.13 19.30 -31.51
C GLU B 75 -0.08 20.21 -32.18
N LYS B 76 -0.36 21.52 -32.23
CA LYS B 76 0.56 22.49 -32.82
C LYS B 76 1.55 23.05 -31.79
N LEU B 77 1.79 22.33 -30.68
CA LEU B 77 2.74 22.79 -29.66
C LEU B 77 4.13 22.26 -29.93
N ASN B 78 5.13 23.05 -29.54
CA ASN B 78 6.53 22.63 -29.63
C ASN B 78 6.85 21.93 -28.29
N MET B 79 7.70 20.90 -28.32
CA MET B 79 8.05 20.21 -27.08
C MET B 79 8.99 21.08 -26.24
N LEU B 80 8.47 21.65 -25.13
CA LEU B 80 9.28 22.49 -24.27
C LEU B 80 9.99 21.63 -23.22
N SER B 81 11.23 21.99 -22.84
CA SER B 81 11.99 21.21 -21.86
C SER B 81 11.54 21.57 -20.43
N ILE B 82 11.46 20.57 -19.54
CA ILE B 82 11.06 20.82 -18.15
C ILE B 82 12.19 21.44 -17.28
N ASP B 83 13.37 21.68 -17.89
CA ASP B 83 14.54 22.20 -17.20
C ASP B 83 14.40 23.64 -16.70
N HIS B 84 13.48 24.42 -17.30
CA HIS B 84 13.28 25.81 -16.86
C HIS B 84 12.33 25.96 -15.64
N LEU B 85 11.85 24.83 -15.07
CA LEU B 85 11.01 24.82 -13.87
C LEU B 85 11.95 24.47 -12.72
N THR B 86 12.58 25.50 -12.12
CA THR B 86 13.62 25.34 -11.11
C THR B 86 13.11 24.90 -9.71
N ASP B 87 12.17 25.63 -9.13
CA ASP B 87 11.68 25.30 -7.79
C ASP B 87 10.41 24.46 -7.80
N HIS B 88 10.10 23.79 -6.67
CA HIS B 88 8.93 22.94 -6.49
C HIS B 88 7.60 23.64 -6.80
N LYS B 89 7.38 24.87 -6.28
CA LYS B 89 6.14 25.62 -6.51
C LYS B 89 5.84 25.85 -8.01
N SER B 90 6.88 25.98 -8.84
CA SER B 90 6.70 26.17 -10.29
C SER B 90 6.52 24.82 -11.00
N GLN B 91 7.17 23.76 -10.50
CA GLN B 91 6.98 22.41 -11.02
C GLN B 91 5.54 21.91 -10.74
N ARG B 92 4.96 22.34 -9.61
CA ARG B 92 3.60 21.98 -9.23
C ARG B 92 2.59 22.75 -10.06
N LEU B 93 2.89 24.01 -10.41
CA LEU B 93 2.01 24.79 -11.28
C LEU B 93 2.01 24.18 -12.68
N ALA B 94 3.20 23.80 -13.18
CA ALA B 94 3.35 23.16 -14.49
C ALA B 94 2.55 21.85 -14.54
N ARG B 95 2.56 21.10 -13.43
CA ARG B 95 1.83 19.84 -13.30
C ARG B 95 0.32 20.05 -13.37
N LEU B 96 -0.16 21.14 -12.77
CA LEU B 96 -1.55 21.52 -12.80
C LEU B 96 -1.93 21.99 -14.21
N VAL B 97 -1.06 22.81 -14.85
CA VAL B 97 -1.23 23.32 -16.21
C VAL B 97 -1.33 22.15 -17.22
N LEU B 98 -0.29 21.29 -17.30
CA LEU B 98 -0.24 20.13 -18.19
C LEU B 98 -1.36 19.12 -17.90
N GLY B 99 -1.68 18.96 -16.62
CA GLY B 99 -2.73 18.04 -16.17
C GLY B 99 -4.11 18.45 -16.66
N CYS B 100 -4.45 19.76 -16.47
CA CYS B 100 -5.72 20.36 -16.93
C CYS B 100 -5.82 20.29 -18.45
N ILE B 101 -4.69 20.54 -19.15
CA ILE B 101 -4.69 20.48 -20.61
C ILE B 101 -4.94 19.04 -21.06
N THR B 102 -4.28 18.07 -20.41
CA THR B 102 -4.42 16.66 -20.77
C THR B 102 -5.87 16.15 -20.65
N MET B 103 -6.59 16.57 -19.59
CA MET B 103 -7.98 16.15 -19.41
C MET B 103 -8.85 16.75 -20.51
N ALA B 104 -8.63 18.04 -20.80
CA ALA B 104 -9.36 18.77 -21.83
C ALA B 104 -9.09 18.16 -23.20
N TYR B 105 -7.86 17.72 -23.46
CA TYR B 105 -7.51 17.09 -24.72
C TYR B 105 -8.22 15.73 -24.83
N VAL B 106 -8.05 14.86 -23.84
CA VAL B 106 -8.62 13.52 -23.86
C VAL B 106 -10.16 13.53 -23.95
N TRP B 107 -10.83 14.37 -23.15
CA TRP B 107 -12.28 14.37 -23.11
C TRP B 107 -12.95 15.36 -24.06
N GLY B 108 -12.20 16.33 -24.56
CA GLY B 108 -12.70 17.35 -25.49
C GLY B 108 -13.90 18.13 -24.99
N LYS B 109 -14.99 18.14 -25.77
CA LYS B 109 -16.23 18.80 -25.36
C LYS B 109 -17.00 17.98 -24.29
N GLY B 110 -16.57 16.74 -24.03
CA GLY B 110 -17.14 15.89 -23.00
C GLY B 110 -18.41 15.18 -23.40
N HIS B 111 -18.45 14.64 -24.63
CA HIS B 111 -19.65 13.97 -25.09
C HIS B 111 -19.37 12.77 -25.99
N GLY B 112 -18.41 11.93 -25.58
CA GLY B 112 -18.12 10.72 -26.32
C GLY B 112 -16.87 10.69 -27.17
N ASP B 113 -16.54 11.79 -27.85
CA ASP B 113 -15.35 11.82 -28.70
C ASP B 113 -14.05 11.92 -27.89
N VAL B 114 -13.49 10.75 -27.57
CA VAL B 114 -12.28 10.65 -26.77
C VAL B 114 -11.02 10.61 -27.66
N ARG B 115 -9.87 10.92 -27.07
CA ARG B 115 -8.59 10.87 -27.74
C ARG B 115 -7.76 9.85 -27.01
N LYS B 116 -7.42 8.72 -27.64
CA LYS B 116 -6.64 7.69 -26.98
C LYS B 116 -5.12 7.89 -27.08
N VAL B 117 -4.65 8.96 -27.75
CA VAL B 117 -3.22 9.22 -27.87
C VAL B 117 -2.90 10.65 -27.47
N LEU B 118 -1.98 10.83 -26.54
CA LEU B 118 -1.56 12.16 -26.10
C LEU B 118 -0.34 12.59 -26.90
N PRO B 119 -0.42 13.76 -27.58
CA PRO B 119 0.70 14.22 -28.41
C PRO B 119 2.07 14.29 -27.72
N ARG B 120 3.12 13.77 -28.36
CA ARG B 120 4.49 13.74 -27.82
C ARG B 120 4.97 15.06 -27.20
N ASN B 121 4.67 16.19 -27.85
CA ASN B 121 5.11 17.50 -27.36
C ASN B 121 4.51 17.91 -26.01
N ILE B 122 3.42 17.24 -25.57
CA ILE B 122 2.82 17.47 -24.26
C ILE B 122 3.04 16.24 -23.35
N ALA B 123 2.86 15.03 -23.90
CA ALA B 123 3.05 13.78 -23.17
C ALA B 123 4.47 13.53 -22.68
N VAL B 124 5.49 13.96 -23.45
CA VAL B 124 6.88 13.76 -23.05
C VAL B 124 7.20 14.63 -21.82
N PRO B 125 7.08 15.98 -21.88
CA PRO B 125 7.37 16.77 -20.67
C PRO B 125 6.43 16.49 -19.49
N TYR B 126 5.19 16.04 -19.76
CA TYR B 126 4.26 15.72 -18.69
C TYR B 126 4.76 14.51 -17.93
N CYS B 127 5.07 13.38 -18.60
CA CYS B 127 5.58 12.21 -17.89
C CYS B 127 6.97 12.43 -17.27
N GLN B 128 7.75 13.36 -17.84
CA GLN B 128 9.08 13.72 -17.35
C GLN B 128 8.92 14.49 -16.03
N LEU B 129 8.06 15.53 -15.99
CA LEU B 129 7.79 16.34 -14.79
C LEU B 129 7.05 15.53 -13.72
N SER B 130 6.22 14.58 -14.16
CA SER B 130 5.49 13.67 -13.28
C SER B 130 6.48 12.75 -12.60
N LYS B 131 7.47 12.20 -13.34
CA LYS B 131 8.51 11.33 -12.78
C LYS B 131 9.37 12.09 -11.76
N LYS B 132 9.65 13.37 -12.04
CA LYS B 132 10.40 14.24 -11.14
C LYS B 132 9.68 14.37 -9.79
N LEU B 133 8.38 14.69 -9.82
CA LEU B 133 7.56 14.88 -8.62
C LEU B 133 6.99 13.60 -8.00
N GLU B 134 7.28 12.44 -8.58
CA GLU B 134 6.81 11.13 -8.14
C GLU B 134 5.29 11.05 -8.15
N LEU B 135 4.67 11.65 -9.17
CA LEU B 135 3.23 11.62 -9.30
C LEU B 135 2.85 11.00 -10.66
N PRO B 136 1.67 10.36 -10.79
CA PRO B 136 1.30 9.76 -12.09
C PRO B 136 0.95 10.83 -13.13
N PRO B 137 1.14 10.58 -14.45
CA PRO B 137 0.80 11.60 -15.44
C PRO B 137 -0.71 11.72 -15.72
N ILE B 138 -1.44 12.21 -14.72
CA ILE B 138 -2.87 12.46 -14.71
C ILE B 138 -3.15 13.52 -13.62
N LEU B 139 -4.18 14.34 -13.84
CA LEU B 139 -4.56 15.37 -12.88
C LEU B 139 -5.01 14.70 -11.56
N VAL B 140 -4.40 15.11 -10.43
CA VAL B 140 -4.74 14.54 -9.13
C VAL B 140 -5.33 15.63 -8.19
N TYR B 141 -5.87 15.23 -7.04
CA TYR B 141 -6.41 16.12 -6.00
C TYR B 141 -5.34 17.14 -5.57
N ALA B 142 -4.08 16.71 -5.51
CA ALA B 142 -2.97 17.59 -5.16
C ALA B 142 -2.78 18.72 -6.18
N ASP B 143 -3.18 18.50 -7.46
CA ASP B 143 -3.09 19.53 -8.49
C ASP B 143 -4.32 20.44 -8.47
N CYS B 144 -5.51 19.90 -8.82
CA CYS B 144 -6.70 20.73 -8.93
C CYS B 144 -7.31 21.19 -7.60
N VAL B 145 -6.88 20.65 -6.45
CA VAL B 145 -7.41 21.14 -5.19
C VAL B 145 -6.32 21.82 -4.37
N LEU B 146 -5.26 21.09 -4.00
CA LEU B 146 -4.21 21.63 -3.14
C LEU B 146 -3.32 22.71 -3.76
N ALA B 147 -3.15 22.73 -5.10
CA ALA B 147 -2.30 23.75 -5.73
C ALA B 147 -3.05 24.69 -6.70
N ASN B 148 -4.36 24.50 -6.84
CA ASN B 148 -5.20 25.27 -7.76
C ASN B 148 -5.96 26.36 -7.02
N TRP B 149 -5.23 27.25 -6.35
CA TRP B 149 -5.88 28.32 -5.59
C TRP B 149 -4.99 29.54 -5.38
N LYS B 150 -5.64 30.68 -5.09
CA LYS B 150 -5.02 31.97 -4.82
C LYS B 150 -5.88 32.78 -3.85
N LYS B 151 -5.26 33.77 -3.21
CA LYS B 151 -5.94 34.71 -2.33
C LYS B 151 -6.22 35.95 -3.18
N LYS B 152 -7.44 36.47 -3.16
CA LYS B 152 -7.80 37.68 -3.92
C LYS B 152 -7.06 38.88 -3.31
N ASP B 153 -6.99 38.95 -1.97
CA ASP B 153 -6.29 39.96 -1.19
C ASP B 153 -5.49 39.23 -0.12
N PRO B 154 -4.15 39.31 -0.19
CA PRO B 154 -3.30 38.61 0.80
C PRO B 154 -3.53 38.97 2.27
N ASN B 155 -3.92 40.20 2.57
CA ASN B 155 -4.13 40.62 3.95
C ASN B 155 -5.47 40.12 4.52
N LYS B 156 -6.46 39.90 3.66
CA LYS B 156 -7.75 39.36 4.09
C LYS B 156 -7.60 37.84 4.44
N PRO B 157 -8.52 37.22 5.21
CA PRO B 157 -8.31 35.81 5.61
C PRO B 157 -8.59 34.73 4.53
N LEU B 158 -8.26 33.46 4.84
CA LEU B 158 -8.51 32.35 3.93
C LEU B 158 -9.96 31.95 4.04
N THR B 159 -10.82 32.68 3.36
CA THR B 159 -12.26 32.41 3.32
C THR B 159 -12.72 32.35 1.87
N TYR B 160 -13.90 31.79 1.60
CA TYR B 160 -14.41 31.65 0.23
C TYR B 160 -14.42 32.96 -0.55
N GLU B 161 -14.90 34.02 0.11
CA GLU B 161 -14.99 35.34 -0.48
C GLU B 161 -13.63 35.88 -0.91
N ASN B 162 -12.57 35.55 -0.16
CA ASN B 162 -11.23 36.04 -0.48
C ASN B 162 -10.38 35.03 -1.29
N MET B 163 -11.03 34.03 -1.90
CA MET B 163 -10.28 33.02 -2.65
C MET B 163 -10.82 32.75 -4.04
N ASP B 164 -9.95 32.20 -4.90
CA ASP B 164 -10.28 31.80 -6.26
C ASP B 164 -9.39 30.64 -6.71
N VAL B 165 -9.85 29.87 -7.70
CA VAL B 165 -9.03 28.80 -8.29
C VAL B 165 -8.14 29.43 -9.40
N LEU B 166 -7.16 28.68 -9.92
CA LEU B 166 -6.30 29.17 -11.00
C LEU B 166 -6.81 28.72 -12.37
N PHE B 167 -7.41 27.53 -12.45
CA PHE B 167 -7.90 27.02 -13.72
C PHE B 167 -9.26 26.36 -13.62
N SER B 168 -10.07 26.50 -14.68
CA SER B 168 -11.39 25.86 -14.83
C SER B 168 -11.43 25.06 -16.14
N PHE B 169 -12.45 24.22 -16.34
CA PHE B 169 -12.54 23.44 -17.57
C PHE B 169 -13.52 24.06 -18.56
N ARG B 170 -14.72 24.38 -18.08
CA ARG B 170 -15.81 24.96 -18.85
C ARG B 170 -16.47 26.08 -18.06
N ASP B 171 -17.18 26.98 -18.74
CA ASP B 171 -17.91 28.03 -18.06
C ASP B 171 -19.12 27.38 -17.38
N GLY B 172 -19.39 27.75 -16.13
CA GLY B 172 -20.51 27.22 -15.37
C GLY B 172 -20.36 25.80 -14.88
N ASP B 173 -19.12 25.27 -14.88
CA ASP B 173 -18.84 23.90 -14.43
C ASP B 173 -18.82 23.75 -12.88
N CYS B 174 -18.89 24.87 -12.13
CA CYS B 174 -18.82 24.92 -10.67
C CYS B 174 -17.44 24.50 -10.15
N SER B 175 -16.38 24.66 -10.97
CA SER B 175 -15.00 24.29 -10.65
C SER B 175 -14.53 25.04 -9.42
N LYS B 176 -14.83 26.33 -9.32
CA LYS B 176 -14.41 27.11 -8.16
C LYS B 176 -15.08 26.60 -6.90
N GLY B 177 -16.39 26.37 -6.97
CA GLY B 177 -17.16 25.89 -5.84
C GLY B 177 -16.71 24.55 -5.33
N PHE B 178 -16.56 23.58 -6.23
CA PHE B 178 -16.16 22.23 -5.86
C PHE B 178 -14.74 22.17 -5.33
N PHE B 179 -13.79 22.78 -6.05
CA PHE B 179 -12.39 22.75 -5.63
C PHE B 179 -12.13 23.57 -4.38
N LEU B 180 -12.77 24.75 -4.23
CA LEU B 180 -12.51 25.61 -3.07
C LEU B 180 -13.17 25.11 -1.82
N VAL B 181 -14.33 24.47 -1.92
CA VAL B 181 -14.99 23.94 -0.73
C VAL B 181 -14.15 22.76 -0.20
N SER B 182 -13.66 21.89 -1.11
CA SER B 182 -12.78 20.77 -0.76
C SER B 182 -11.52 21.29 -0.07
N LEU B 183 -10.95 22.39 -0.58
CA LEU B 183 -9.75 23.02 -0.05
C LEU B 183 -10.02 23.62 1.32
N LEU B 184 -11.15 24.31 1.48
CA LEU B 184 -11.50 24.92 2.76
C LEU B 184 -11.68 23.86 3.85
N VAL B 185 -12.17 22.66 3.49
CA VAL B 185 -12.33 21.54 4.41
C VAL B 185 -10.94 20.96 4.77
N GLU B 186 -10.03 20.91 3.79
CA GLU B 186 -8.67 20.43 3.97
C GLU B 186 -7.95 21.28 5.00
N ILE B 187 -8.11 22.60 4.92
CA ILE B 187 -7.48 23.56 5.82
C ILE B 187 -8.13 23.50 7.22
N ALA B 188 -9.45 23.24 7.29
CA ALA B 188 -10.17 23.10 8.57
C ALA B 188 -9.69 21.87 9.33
N ALA B 189 -9.44 20.76 8.60
CA ALA B 189 -8.94 19.51 9.17
C ALA B 189 -7.45 19.60 9.55
N ALA B 190 -6.70 20.50 8.90
CA ALA B 190 -5.28 20.75 9.10
C ALA B 190 -4.93 21.21 10.51
N SER B 191 -5.85 21.91 11.17
CA SER B 191 -5.61 22.37 12.53
C SER B 191 -5.49 21.19 13.52
N ALA B 192 -6.08 20.02 13.21
CA ALA B 192 -5.95 18.84 14.06
C ALA B 192 -4.62 18.09 13.83
N ILE B 193 -3.92 18.36 12.71
CA ILE B 193 -2.63 17.72 12.40
C ILE B 193 -1.54 18.16 13.39
N LYS B 194 -1.55 19.44 13.81
CA LYS B 194 -0.60 19.95 14.79
C LYS B 194 -0.66 19.15 16.12
N VAL B 195 -1.84 18.61 16.44
CA VAL B 195 -2.10 17.86 17.66
C VAL B 195 -1.54 16.41 17.61
N ILE B 196 -1.23 15.90 16.41
CA ILE B 196 -0.72 14.53 16.24
C ILE B 196 0.55 14.28 17.08
N PRO B 197 1.65 15.07 16.98
CA PRO B 197 2.82 14.79 17.82
C PRO B 197 2.51 14.80 19.32
N THR B 198 1.53 15.62 19.75
CA THR B 198 1.09 15.70 21.15
C THR B 198 0.48 14.35 21.59
N VAL B 199 -0.27 13.70 20.69
CA VAL B 199 -0.88 12.39 20.96
C VAL B 199 0.17 11.32 21.16
N PHE B 200 1.11 11.21 20.23
CA PHE B 200 2.16 10.22 20.30
C PHE B 200 3.15 10.44 21.44
N LYS B 201 3.46 11.70 21.75
CA LYS B 201 4.37 12.01 22.85
C LYS B 201 3.71 11.70 24.17
N ALA B 202 2.39 11.98 24.31
CA ALA B 202 1.68 11.68 25.55
C ALA B 202 1.47 10.18 25.76
N MET B 203 1.41 9.39 24.68
CA MET B 203 1.28 7.94 24.81
C MET B 203 2.63 7.37 25.29
N GLN B 204 3.73 7.83 24.69
CA GLN B 204 5.08 7.40 25.03
C GLN B 204 5.39 7.78 26.48
N MET B 205 5.09 9.02 26.85
CA MET B 205 5.32 9.54 28.20
C MET B 205 4.27 9.16 29.24
N GLN B 206 3.20 8.51 28.80
CA GLN B 206 2.12 8.08 29.65
C GLN B 206 1.43 9.24 30.36
N GLU B 207 1.26 10.38 29.66
CA GLU B 207 0.56 11.54 30.16
C GLU B 207 -0.90 11.36 29.75
N ARG B 208 -1.71 10.82 30.64
CA ARG B 208 -3.12 10.52 30.38
C ARG B 208 -3.97 11.78 30.18
N ASP B 209 -3.74 12.80 31.00
CA ASP B 209 -4.52 14.03 30.90
C ASP B 209 -4.19 14.79 29.62
N THR B 210 -2.90 14.77 29.22
CA THR B 210 -2.43 15.41 28.01
C THR B 210 -3.06 14.71 26.81
N LEU B 211 -3.11 13.37 26.82
CA LEU B 211 -3.70 12.58 25.74
C LEU B 211 -5.19 12.86 25.63
N LEU B 212 -5.88 12.99 26.76
CA LEU B 212 -7.30 13.28 26.78
C LEU B 212 -7.54 14.67 26.19
N LYS B 213 -6.74 15.67 26.60
CA LYS B 213 -6.88 17.03 26.09
C LYS B 213 -6.64 17.06 24.57
N ALA B 214 -5.60 16.35 24.11
CA ALA B 214 -5.26 16.21 22.69
C ALA B 214 -6.39 15.54 21.89
N LEU B 215 -6.96 14.44 22.40
CA LEU B 215 -8.05 13.74 21.69
C LEU B 215 -9.29 14.62 21.55
N LEU B 216 -9.58 15.43 22.58
CA LEU B 216 -10.72 16.33 22.54
C LEU B 216 -10.51 17.49 21.59
N GLU B 217 -9.24 17.94 21.44
CA GLU B 217 -8.87 19.01 20.54
C GLU B 217 -9.02 18.54 19.09
N ILE B 218 -8.60 17.31 18.78
CA ILE B 218 -8.75 16.74 17.44
C ILE B 218 -10.24 16.62 17.10
N ALA B 219 -11.07 16.21 18.06
CA ALA B 219 -12.51 16.08 17.85
C ALA B 219 -13.16 17.43 17.56
N SER B 220 -12.69 18.48 18.24
CA SER B 220 -13.12 19.86 18.10
C SER B 220 -12.85 20.36 16.66
N CYS B 221 -11.69 20.01 16.12
CA CYS B 221 -11.27 20.36 14.76
C CYS B 221 -12.09 19.64 13.69
N LEU B 222 -12.38 18.34 13.90
CA LEU B 222 -13.20 17.58 12.96
C LEU B 222 -14.68 17.97 13.00
N GLU B 223 -15.12 18.56 14.14
CA GLU B 223 -16.48 19.06 14.31
C GLU B 223 -16.60 20.38 13.52
N LYS B 224 -15.57 21.24 13.62
CA LYS B 224 -15.49 22.50 12.89
C LYS B 224 -15.41 22.26 11.36
N ALA B 225 -14.77 21.16 10.94
CA ALA B 225 -14.66 20.80 9.52
C ALA B 225 -16.02 20.43 8.92
N LEU B 226 -16.94 19.89 9.73
CA LEU B 226 -18.28 19.54 9.28
C LEU B 226 -19.09 20.80 8.95
N GLN B 227 -18.90 21.87 9.75
CA GLN B 227 -19.57 23.15 9.56
C GLN B 227 -19.16 23.77 8.21
N VAL B 228 -17.86 23.69 7.89
CA VAL B 228 -17.26 24.19 6.65
C VAL B 228 -17.85 23.47 5.42
N PHE B 229 -18.04 22.15 5.53
CA PHE B 229 -18.62 21.32 4.47
C PHE B 229 -20.03 21.74 4.02
N HIS B 230 -20.81 22.42 4.88
CA HIS B 230 -22.17 22.86 4.52
C HIS B 230 -22.23 23.86 3.33
N GLN B 231 -21.12 24.59 3.08
CA GLN B 231 -20.99 25.57 2.00
C GLN B 231 -21.11 24.99 0.60
N ILE B 232 -21.00 23.67 0.45
CA ILE B 232 -21.08 23.01 -0.86
C ILE B 232 -22.38 23.34 -1.59
N HIS B 233 -23.48 23.42 -0.83
CA HIS B 233 -24.81 23.71 -1.36
C HIS B 233 -24.95 25.12 -1.95
N ASP B 234 -24.12 26.06 -1.47
CA ASP B 234 -24.12 27.44 -1.93
C ASP B 234 -23.18 27.69 -3.11
N HIS B 235 -22.27 26.75 -3.45
CA HIS B 235 -21.30 27.00 -4.52
C HIS B 235 -21.23 25.93 -5.60
N VAL B 236 -22.04 24.87 -5.51
CA VAL B 236 -22.09 23.79 -6.50
C VAL B 236 -23.56 23.46 -6.79
N ASN B 237 -23.90 23.09 -8.04
CA ASN B 237 -25.26 22.68 -8.36
C ASN B 237 -25.26 21.31 -9.02
N PRO B 238 -26.25 20.46 -8.64
CA PRO B 238 -26.29 19.07 -9.15
C PRO B 238 -26.18 18.88 -10.67
N LYS B 239 -26.84 19.73 -11.46
CA LYS B 239 -26.79 19.62 -12.92
C LYS B 239 -25.37 19.88 -13.45
N ALA B 240 -24.73 20.98 -13.02
CA ALA B 240 -23.39 21.34 -13.48
C ALA B 240 -22.31 20.38 -13.02
N PHE B 241 -22.46 19.82 -11.80
CA PHE B 241 -21.47 18.88 -11.29
C PHE B 241 -21.54 17.56 -12.05
N PHE B 242 -22.75 16.98 -12.13
CA PHE B 242 -22.98 15.70 -12.79
C PHE B 242 -22.77 15.78 -14.31
N SER B 243 -23.38 16.76 -14.96
CA SER B 243 -23.30 16.90 -16.41
C SER B 243 -21.97 17.44 -16.93
N VAL B 244 -21.26 18.32 -16.15
CA VAL B 244 -20.04 18.92 -16.68
C VAL B 244 -18.74 18.51 -15.90
N LEU B 245 -18.52 19.04 -14.68
CA LEU B 245 -17.28 18.82 -13.93
C LEU B 245 -16.82 17.35 -13.82
N ARG B 246 -17.77 16.43 -13.60
CA ARG B 246 -17.55 14.99 -13.50
C ARG B 246 -16.76 14.42 -14.70
N ILE B 247 -17.09 14.88 -15.90
CA ILE B 247 -16.43 14.45 -17.14
C ILE B 247 -14.95 14.76 -17.17
N TYR B 248 -14.57 15.98 -16.80
CA TYR B 248 -13.16 16.39 -16.81
C TYR B 248 -12.35 15.81 -15.65
N LEU B 249 -13.04 15.33 -14.61
CA LEU B 249 -12.41 14.67 -13.46
C LEU B 249 -12.20 13.17 -13.71
N SER B 250 -12.90 12.57 -14.71
CA SER B 250 -12.80 11.17 -15.06
C SER B 250 -11.39 10.76 -15.55
N GLY B 251 -10.95 9.56 -15.17
CA GLY B 251 -9.65 9.06 -15.53
C GLY B 251 -9.70 7.93 -16.54
N TRP B 252 -8.60 7.18 -16.68
CA TRP B 252 -8.53 6.09 -17.66
C TRP B 252 -8.10 4.78 -17.04
N LYS B 253 -8.71 4.42 -15.92
CA LYS B 253 -8.44 3.14 -15.27
C LYS B 253 -9.78 2.50 -15.08
N GLY B 254 -10.00 1.37 -15.75
CA GLY B 254 -11.27 0.66 -15.72
C GLY B 254 -12.40 1.46 -16.37
N ASN B 255 -12.04 2.32 -17.34
CA ASN B 255 -13.02 3.15 -18.03
C ASN B 255 -13.34 2.55 -19.38
N PRO B 256 -14.61 2.23 -19.63
CA PRO B 256 -14.99 1.69 -20.94
C PRO B 256 -14.72 2.63 -22.12
N GLN B 257 -14.52 3.94 -21.86
CA GLN B 257 -14.21 4.93 -22.89
C GLN B 257 -12.72 4.94 -23.32
N LEU B 258 -11.84 4.40 -22.45
CA LEU B 258 -10.41 4.28 -22.70
C LEU B 258 -10.00 2.99 -21.99
N SER B 259 -10.59 1.86 -22.45
CA SER B 259 -10.46 0.50 -21.91
C SER B 259 -9.04 0.00 -21.71
N ASP B 260 -8.10 0.47 -22.54
CA ASP B 260 -6.70 0.05 -22.42
C ASP B 260 -5.78 1.11 -21.79
N GLY B 261 -6.31 2.30 -21.51
CA GLY B 261 -5.51 3.39 -20.97
C GLY B 261 -5.20 4.43 -22.02
N LEU B 262 -4.30 5.36 -21.69
CA LEU B 262 -3.95 6.44 -22.60
C LEU B 262 -2.57 6.23 -23.17
N VAL B 263 -2.34 6.60 -24.44
CA VAL B 263 -1.03 6.47 -25.05
C VAL B 263 -0.24 7.72 -24.75
N TYR B 264 0.85 7.59 -24.00
CA TYR B 264 1.71 8.72 -23.68
C TYR B 264 2.81 8.69 -24.73
N GLU B 265 2.50 9.25 -25.93
CA GLU B 265 3.38 9.28 -27.10
C GLU B 265 4.76 9.85 -26.82
N GLY B 266 5.78 9.07 -27.17
CA GLY B 266 7.17 9.47 -26.94
C GLY B 266 7.69 9.20 -25.54
N PHE B 267 6.91 8.47 -24.71
CA PHE B 267 7.30 8.12 -23.36
C PHE B 267 7.09 6.63 -23.08
N TRP B 268 5.91 6.10 -23.41
CA TRP B 268 5.64 4.68 -23.24
C TRP B 268 5.15 4.05 -24.51
N GLU B 269 5.51 2.78 -24.72
CA GLU B 269 5.09 2.05 -25.92
C GLU B 269 3.59 1.69 -25.83
N ASP B 270 3.18 0.97 -24.78
CA ASP B 270 1.79 0.56 -24.60
C ASP B 270 0.95 1.62 -23.81
N PRO B 271 -0.38 1.63 -24.01
CA PRO B 271 -1.21 2.60 -23.27
C PRO B 271 -1.21 2.33 -21.76
N LYS B 272 -1.07 3.39 -20.96
CA LYS B 272 -1.03 3.27 -19.50
C LYS B 272 -2.34 3.74 -18.84
N GLU B 273 -2.86 2.93 -17.87
CA GLU B 273 -4.10 3.18 -17.13
C GLU B 273 -3.86 3.90 -15.80
N PHE B 274 -4.47 5.07 -15.61
CA PHE B 274 -4.35 5.81 -14.37
C PHE B 274 -5.71 6.24 -13.88
N ALA B 275 -5.94 6.19 -12.57
CA ALA B 275 -7.20 6.59 -11.99
C ALA B 275 -7.39 8.11 -12.03
N GLY B 276 -8.63 8.53 -12.16
CA GLY B 276 -8.95 9.94 -12.17
C GLY B 276 -8.81 10.58 -10.80
N GLY B 277 -8.94 11.89 -10.76
CA GLY B 277 -8.87 12.68 -9.54
C GLY B 277 -9.92 12.24 -8.56
N SER B 278 -9.52 12.07 -7.29
CA SER B 278 -10.42 11.57 -6.27
C SER B 278 -10.12 12.18 -4.92
N ALA B 279 -11.17 12.50 -4.14
CA ALA B 279 -10.96 12.94 -2.77
C ALA B 279 -10.38 11.79 -1.88
N GLY B 280 -10.37 10.55 -2.39
CA GLY B 280 -9.68 9.41 -1.80
C GLY B 280 -8.16 9.61 -1.81
N GLN B 281 -7.67 10.59 -2.56
CA GLN B 281 -6.27 11.04 -2.64
C GLN B 281 -5.98 12.16 -1.59
N SER B 282 -6.95 12.52 -0.72
CA SER B 282 -6.76 13.53 0.31
C SER B 282 -5.92 12.90 1.43
N SER B 283 -4.79 13.50 1.75
CA SER B 283 -3.92 12.99 2.79
C SER B 283 -4.45 13.25 4.20
N VAL B 284 -5.28 14.29 4.38
CA VAL B 284 -5.79 14.65 5.69
C VAL B 284 -6.81 13.64 6.21
N PHE B 285 -7.69 13.14 5.34
CA PHE B 285 -8.69 12.19 5.76
C PHE B 285 -8.12 10.81 6.03
N GLN B 286 -7.10 10.43 5.26
CA GLN B 286 -6.44 9.15 5.46
C GLN B 286 -5.66 9.19 6.77
N CYS B 287 -5.02 10.32 7.10
CA CYS B 287 -4.22 10.42 8.31
C CYS B 287 -5.06 10.35 9.60
N PHE B 288 -6.35 10.71 9.56
CA PHE B 288 -7.19 10.57 10.74
C PHE B 288 -7.66 9.15 10.94
N ASP B 289 -7.85 8.39 9.84
CA ASP B 289 -8.17 6.97 9.94
C ASP B 289 -6.95 6.25 10.50
N VAL B 290 -5.72 6.60 10.06
CA VAL B 290 -4.51 5.96 10.55
C VAL B 290 -4.33 6.28 12.03
N LEU B 291 -4.43 7.56 12.38
CA LEU B 291 -4.30 8.04 13.77
C LEU B 291 -5.26 7.31 14.71
N LEU B 292 -6.54 7.25 14.35
CA LEU B 292 -7.55 6.63 15.19
C LEU B 292 -7.67 5.10 15.04
N GLY B 293 -6.75 4.48 14.33
CA GLY B 293 -6.75 3.02 14.16
C GLY B 293 -7.91 2.44 13.39
N ILE B 294 -8.56 3.24 12.56
CA ILE B 294 -9.66 2.78 11.72
C ILE B 294 -8.98 2.06 10.56
N GLN B 295 -9.06 0.73 10.53
CA GLN B 295 -8.37 -0.04 9.49
C GLN B 295 -9.11 0.00 8.14
N GLN B 296 -9.09 1.18 7.49
CA GLN B 296 -9.75 1.45 6.22
C GLN B 296 -9.08 0.73 5.07
N THR B 297 -7.74 0.59 5.14
CA THR B 297 -6.94 -0.09 4.13
C THR B 297 -6.78 -1.60 4.44
N ALA B 298 -7.66 -2.18 5.30
CA ALA B 298 -7.63 -3.58 5.68
C ALA B 298 -8.95 -4.31 5.35
N GLY B 299 -8.88 -5.64 5.22
CA GLY B 299 -10.04 -6.46 4.89
C GLY B 299 -10.05 -7.01 3.47
N GLY B 300 -9.24 -6.41 2.61
CA GLY B 300 -9.15 -6.84 1.21
C GLY B 300 -10.33 -6.43 0.34
N GLY B 301 -11.18 -5.54 0.87
CA GLY B 301 -12.32 -5.04 0.12
C GLY B 301 -11.92 -4.04 -0.95
N HIS B 302 -12.85 -3.75 -1.88
CA HIS B 302 -12.63 -2.78 -2.95
C HIS B 302 -12.25 -1.39 -2.40
N ALA B 303 -12.90 -0.98 -1.30
CA ALA B 303 -12.66 0.31 -0.63
C ALA B 303 -11.26 0.36 -0.02
N ALA B 304 -10.82 -0.74 0.60
CA ALA B 304 -9.50 -0.85 1.21
C ALA B 304 -8.39 -0.82 0.15
N GLN B 305 -8.64 -1.45 -1.00
CA GLN B 305 -7.67 -1.47 -2.08
C GLN B 305 -7.59 -0.08 -2.72
N PHE B 306 -8.75 0.53 -3.00
CA PHE B 306 -8.81 1.84 -3.61
C PHE B 306 -8.06 2.91 -2.80
N LEU B 307 -8.28 2.93 -1.48
CA LEU B 307 -7.63 3.91 -0.63
C LEU B 307 -6.13 3.67 -0.51
N GLN B 308 -5.69 2.42 -0.58
CA GLN B 308 -4.27 2.09 -0.53
C GLN B 308 -3.61 2.56 -1.83
N ASP B 309 -4.28 2.34 -2.98
CA ASP B 309 -3.81 2.74 -4.30
C ASP B 309 -3.72 4.26 -4.39
N MET B 310 -4.72 4.98 -3.83
CA MET B 310 -4.75 6.45 -3.89
C MET B 310 -3.62 7.14 -3.17
N ARG B 311 -2.85 6.42 -2.36
CA ARG B 311 -1.66 6.96 -1.71
C ARG B 311 -0.56 7.19 -2.75
N ARG B 312 -0.51 6.32 -3.80
CA ARG B 312 0.43 6.45 -4.91
C ARG B 312 0.17 7.72 -5.75
N TYR B 313 -1.01 8.34 -5.59
CA TYR B 313 -1.45 9.57 -6.27
C TYR B 313 -1.30 10.82 -5.40
N MET B 314 -0.73 10.68 -4.17
CA MET B 314 -0.47 11.79 -3.25
C MET B 314 0.98 12.22 -3.37
N PRO B 315 1.34 13.49 -3.05
CA PRO B 315 2.77 13.87 -3.06
C PRO B 315 3.59 12.95 -2.17
N PRO B 316 4.81 12.58 -2.60
CA PRO B 316 5.60 11.61 -1.83
C PRO B 316 5.85 11.99 -0.39
N ALA B 317 6.03 13.29 -0.06
CA ALA B 317 6.22 13.71 1.34
C ALA B 317 4.98 13.40 2.18
N HIS B 318 3.79 13.54 1.59
CA HIS B 318 2.53 13.24 2.26
C HIS B 318 2.29 11.74 2.38
N ARG B 319 2.73 10.98 1.38
CA ARG B 319 2.68 9.53 1.35
C ARG B 319 3.60 8.98 2.47
N ASN B 320 4.77 9.63 2.69
CA ASN B 320 5.74 9.30 3.72
C ASN B 320 5.20 9.61 5.11
N PHE B 321 4.44 10.69 5.24
CA PHE B 321 3.84 11.08 6.50
C PHE B 321 2.83 10.03 6.93
N LEU B 322 2.00 9.55 5.98
CA LEU B 322 1.01 8.51 6.26
C LEU B 322 1.65 7.23 6.74
N CYS B 323 2.76 6.83 6.13
CA CYS B 323 3.55 5.65 6.49
C CYS B 323 4.15 5.84 7.91
N SER B 324 4.69 7.02 8.20
CA SER B 324 5.27 7.33 9.51
C SER B 324 4.24 7.25 10.62
N LEU B 325 2.98 7.62 10.32
CA LEU B 325 1.87 7.50 11.27
C LEU B 325 1.54 6.03 11.53
N GLU B 326 1.67 5.18 10.51
CA GLU B 326 1.42 3.75 10.62
C GLU B 326 2.53 3.05 11.42
N SER B 327 3.77 3.56 11.34
CA SER B 327 4.92 3.04 12.07
C SER B 327 4.85 3.37 13.60
N ASN B 328 3.99 4.32 13.98
CA ASN B 328 3.82 4.69 15.37
C ASN B 328 2.82 3.77 16.06
N PRO B 329 2.84 3.71 17.40
CA PRO B 329 1.90 2.82 18.11
C PRO B 329 0.44 3.17 17.89
N SER B 330 -0.45 2.21 18.09
CA SER B 330 -1.89 2.44 17.91
C SER B 330 -2.52 3.21 19.07
N VAL B 331 -3.09 4.39 18.77
CA VAL B 331 -3.85 5.20 19.73
C VAL B 331 -5.09 4.41 20.19
N ARG B 332 -5.74 3.69 19.27
CA ARG B 332 -6.91 2.89 19.59
C ARG B 332 -6.57 1.77 20.56
N GLU B 333 -5.49 1.01 20.29
CA GLU B 333 -5.10 -0.08 21.19
C GLU B 333 -4.70 0.47 22.56
N PHE B 334 -4.04 1.61 22.59
CA PHE B 334 -3.65 2.25 23.84
C PHE B 334 -4.88 2.64 24.66
N VAL B 335 -5.88 3.26 24.05
CA VAL B 335 -7.09 3.68 24.73
C VAL B 335 -7.87 2.46 25.24
N LEU B 336 -7.99 1.43 24.40
CA LEU B 336 -8.67 0.18 24.75
C LEU B 336 -8.01 -0.54 25.93
N SER B 337 -6.68 -0.41 26.07
CA SER B 337 -5.94 -1.09 27.12
C SER B 337 -5.92 -0.40 28.47
N LYS B 338 -6.44 0.83 28.57
CA LYS B 338 -6.31 1.57 29.82
C LYS B 338 -7.50 1.49 30.78
N GLY B 339 -8.66 0.96 30.35
CA GLY B 339 -9.84 0.89 31.21
C GLY B 339 -10.23 2.24 31.82
N ASP B 340 -10.11 3.28 31.00
CA ASP B 340 -10.30 4.69 31.35
C ASP B 340 -11.49 5.21 30.55
N ALA B 341 -12.65 5.40 31.19
CA ALA B 341 -13.86 5.87 30.53
C ALA B 341 -13.72 7.25 29.89
N GLY B 342 -13.05 8.18 30.55
CA GLY B 342 -12.87 9.51 30.03
C GLY B 342 -12.03 9.55 28.76
N LEU B 343 -11.00 8.70 28.71
CA LEU B 343 -10.11 8.56 27.57
C LEU B 343 -10.87 7.90 26.41
N ARG B 344 -11.69 6.89 26.70
CA ARG B 344 -12.48 6.23 25.67
C ARG B 344 -13.52 7.17 25.11
N GLU B 345 -14.14 7.99 25.97
CA GLU B 345 -15.15 8.97 25.55
C GLU B 345 -14.55 10.02 24.64
N ALA B 346 -13.28 10.43 24.89
CA ALA B 346 -12.52 11.42 24.08
C ALA B 346 -12.12 10.82 22.73
N TYR B 347 -11.74 9.54 22.73
CA TYR B 347 -11.39 8.85 21.49
C TYR B 347 -12.65 8.73 20.63
N ASP B 348 -13.77 8.36 21.25
CA ASP B 348 -15.06 8.23 20.59
C ASP B 348 -15.60 9.55 20.06
N ALA B 349 -15.19 10.68 20.66
CA ALA B 349 -15.58 11.99 20.17
C ALA B 349 -14.94 12.21 18.79
N CYS B 350 -13.67 11.78 18.60
CA CYS B 350 -12.93 11.85 17.35
C CYS B 350 -13.57 10.96 16.29
N VAL B 351 -13.91 9.74 16.66
CA VAL B 351 -14.53 8.77 15.76
C VAL B 351 -15.93 9.23 15.34
N LYS B 352 -16.75 9.73 16.29
CA LYS B 352 -18.09 10.24 15.97
C LYS B 352 -18.05 11.46 15.06
N ALA B 353 -16.99 12.26 15.13
CA ALA B 353 -16.84 13.41 14.25
C ALA B 353 -16.52 12.96 12.80
N LEU B 354 -15.77 11.85 12.64
CA LEU B 354 -15.46 11.29 11.34
C LEU B 354 -16.69 10.61 10.76
N VAL B 355 -17.50 9.94 11.61
CA VAL B 355 -18.74 9.31 11.16
C VAL B 355 -19.70 10.39 10.67
N SER B 356 -19.79 11.51 11.41
CA SER B 356 -20.63 12.63 11.03
C SER B 356 -20.22 13.23 9.68
N LEU B 357 -18.90 13.42 9.47
CA LEU B 357 -18.39 13.93 8.20
C LEU B 357 -18.74 12.99 7.05
N ARG B 358 -18.49 11.67 7.22
CA ARG B 358 -18.79 10.67 6.20
C ARG B 358 -20.27 10.52 5.90
N SER B 359 -21.11 10.70 6.93
CA SER B 359 -22.56 10.62 6.77
C SER B 359 -23.08 11.85 6.05
N TYR B 360 -22.54 13.03 6.38
CA TYR B 360 -22.92 14.25 5.69
C TYR B 360 -22.49 14.20 4.22
N HIS B 361 -21.31 13.63 3.96
CA HIS B 361 -20.76 13.44 2.65
C HIS B 361 -21.68 12.56 1.79
N LEU B 362 -22.20 11.45 2.35
CA LEU B 362 -23.12 10.55 1.64
C LEU B 362 -24.40 11.28 1.23
N GLN B 363 -24.87 12.22 2.08
CA GLN B 363 -26.06 13.03 1.81
C GLN B 363 -25.80 13.90 0.59
N ILE B 364 -24.60 14.51 0.51
CA ILE B 364 -24.16 15.35 -0.61
C ILE B 364 -24.06 14.52 -1.91
N VAL B 365 -23.46 13.33 -1.87
CA VAL B 365 -23.32 12.48 -3.04
C VAL B 365 -24.72 11.98 -3.56
N THR B 366 -25.74 11.95 -2.67
CA THR B 366 -27.09 11.58 -3.07
C THR B 366 -27.73 12.73 -3.89
N LYS B 367 -27.55 13.97 -3.41
CA LYS B 367 -28.07 15.17 -4.08
C LYS B 367 -27.33 15.46 -5.39
N TYR B 368 -25.99 15.34 -5.39
CA TYR B 368 -25.15 15.71 -6.52
C TYR B 368 -24.82 14.61 -7.50
N ILE B 369 -25.02 13.33 -7.13
CA ILE B 369 -24.69 12.24 -8.06
C ILE B 369 -25.86 11.27 -8.27
N LEU B 370 -26.35 10.62 -7.19
CA LEU B 370 -27.41 9.62 -7.28
C LEU B 370 -28.71 10.12 -7.95
N ILE B 371 -29.22 11.27 -7.48
CA ILE B 371 -30.45 11.85 -8.00
C ILE B 371 -30.27 12.38 -9.45
N PRO B 372 -29.24 13.22 -9.79
CA PRO B 372 -29.09 13.66 -11.19
C PRO B 372 -28.89 12.52 -12.19
N ALA B 373 -28.33 11.38 -11.75
CA ALA B 373 -28.14 10.21 -12.60
C ALA B 373 -29.48 9.60 -13.01
N SER B 374 -30.47 9.63 -12.09
CA SER B 374 -31.82 9.12 -12.34
C SER B 374 -32.58 9.96 -13.37
N GLN B 375 -32.22 11.25 -13.53
CA GLN B 375 -32.86 12.20 -14.44
C GLN B 375 -32.03 12.49 -15.71
N LEU B 399 -19.52 3.27 -5.74
CA LEU B 399 -19.53 4.72 -5.52
C LEU B 399 -20.23 5.00 -4.18
N MET B 400 -21.54 4.74 -4.12
CA MET B 400 -22.29 4.87 -2.89
C MET B 400 -21.86 3.73 -1.95
N ASN B 401 -21.66 2.51 -2.51
CA ASN B 401 -21.18 1.33 -1.79
C ASN B 401 -19.81 1.61 -1.17
N PHE B 402 -18.93 2.33 -1.90
CA PHE B 402 -17.60 2.70 -1.42
C PHE B 402 -17.72 3.61 -0.19
N LEU B 403 -18.50 4.68 -0.29
CA LEU B 403 -18.66 5.62 0.79
C LEU B 403 -19.39 5.02 2.01
N LYS B 404 -20.39 4.16 1.78
CA LYS B 404 -21.10 3.48 2.87
C LYS B 404 -20.19 2.43 3.53
N THR B 405 -19.27 1.81 2.77
CA THR B 405 -18.32 0.86 3.34
C THR B 405 -17.31 1.60 4.22
N VAL B 406 -16.85 2.79 3.77
CA VAL B 406 -15.91 3.62 4.53
C VAL B 406 -16.56 4.08 5.81
N ARG B 407 -17.75 4.65 5.72
CA ARG B 407 -18.50 5.14 6.88
C ARG B 407 -18.79 4.00 7.85
N SER B 408 -19.16 2.81 7.34
CA SER B 408 -19.46 1.65 8.18
C SER B 408 -18.24 1.22 9.00
N THR B 409 -17.05 1.29 8.39
CA THR B 409 -15.78 0.96 9.05
C THR B 409 -15.44 1.99 10.14
N THR B 410 -15.79 3.27 9.91
CA THR B 410 -15.56 4.33 10.88
C THR B 410 -16.50 4.15 12.08
N GLU B 411 -17.79 3.84 11.82
CA GLU B 411 -18.77 3.65 12.89
C GLU B 411 -18.46 2.39 13.70
N LYS B 412 -18.05 1.31 13.02
CA LYS B 412 -17.68 0.06 13.72
C LYS B 412 -16.44 0.22 14.63
N SER B 413 -15.70 1.35 14.52
CA SER B 413 -14.52 1.64 15.32
C SER B 413 -14.84 2.30 16.67
N LEU B 414 -16.11 2.65 16.94
CA LEU B 414 -16.48 3.25 18.23
C LEU B 414 -16.33 2.22 19.34
N LEU B 415 -15.99 2.68 20.53
CA LEU B 415 -15.82 1.79 21.67
C LEU B 415 -17.16 1.64 22.41
#